data_7RC8
#
_entry.id   7RC8
#
_entity_poly.entity_id   1
_entity_poly.type   'polypeptide(L)'
_entity_poly.pdbx_seq_one_letter_code
;GLLCYCRKGHCKRGERVR(DAL)TCGIRFLYCCPRR
;
_entity_poly.pdbx_strand_id   A
#
# COMPACT_ATOMS: atom_id res chain seq x y z
N GLY A 1 -9.71 -5.02 -5.93
CA GLY A 1 -10.91 -4.69 -5.16
C GLY A 1 -11.02 -3.21 -4.97
N LEU A 2 -10.33 -2.70 -3.99
CA LEU A 2 -10.34 -1.28 -3.70
C LEU A 2 -9.17 -0.62 -4.39
N LEU A 3 -9.24 0.69 -4.54
CA LEU A 3 -8.17 1.41 -5.13
C LEU A 3 -7.12 1.64 -4.08
N CYS A 4 -6.00 1.00 -4.24
CA CYS A 4 -4.95 1.09 -3.28
C CYS A 4 -3.70 1.53 -4.00
N TYR A 5 -2.70 1.89 -3.27
CA TYR A 5 -1.52 2.46 -3.84
C TYR A 5 -0.36 1.53 -3.64
N CYS A 6 0.40 1.36 -4.68
CA CYS A 6 1.62 0.63 -4.59
C CYS A 6 2.67 1.56 -4.05
N ARG A 7 3.01 1.35 -2.82
CA ARG A 7 3.92 2.19 -2.09
C ARG A 7 5.27 1.58 -2.06
N LYS A 8 6.23 2.32 -2.47
CA LYS A 8 7.58 1.87 -2.36
C LYS A 8 8.10 2.21 -0.98
N GLY A 9 8.81 1.28 -0.40
CA GLY A 9 9.36 1.51 0.91
C GLY A 9 8.36 1.22 2.01
N HIS A 10 7.33 2.02 2.10
CA HIS A 10 6.31 1.86 3.12
C HIS A 10 5.11 2.65 2.72
N CYS A 11 4.05 2.49 3.42
CA CYS A 11 2.84 3.17 3.10
C CYS A 11 2.84 4.51 3.82
N LYS A 12 1.78 5.26 3.67
CA LYS A 12 1.66 6.47 4.40
C LYS A 12 1.07 6.14 5.75
N ARG A 13 1.12 7.08 6.65
CA ARG A 13 0.59 6.88 7.98
C ARG A 13 -0.91 6.83 7.87
N GLY A 14 -1.46 5.67 8.11
CA GLY A 14 -2.87 5.49 8.02
C GLY A 14 -3.24 4.49 6.96
N GLU A 15 -2.31 4.19 6.07
CA GLU A 15 -2.57 3.22 5.03
C GLU A 15 -2.27 1.83 5.54
N ARG A 16 -3.08 0.92 5.16
CA ARG A 16 -2.93 -0.45 5.61
C ARG A 16 -2.33 -1.29 4.51
N VAL A 17 -1.44 -2.16 4.88
CA VAL A 17 -0.82 -3.07 3.95
C VAL A 17 -1.85 -4.12 3.57
N ARG A 18 -2.14 -4.23 2.31
CA ARG A 18 -3.12 -5.18 1.83
C ARG A 18 -2.36 -6.35 1.24
N DAL A 19 -1.13 -6.08 0.86
CA DAL A 19 -0.23 -7.06 0.31
CB DAL A 19 0.20 -8.05 1.38
C DAL A 19 0.97 -6.35 -0.23
O DAL A 19 1.34 -5.29 0.27
H DAL A 19 -0.78 -5.17 0.93
HA DAL A 19 -0.73 -7.60 -0.48
HB1 DAL A 19 -0.65 -8.58 1.76
HB2 DAL A 19 0.68 -7.51 2.19
HB3 DAL A 19 0.91 -8.76 0.95
N THR A 20 1.56 -6.88 -1.25
CA THR A 20 2.75 -6.31 -1.81
C THR A 20 2.54 -6.05 -3.30
N CYS A 21 3.30 -5.15 -3.86
CA CYS A 21 3.11 -4.80 -5.25
C CYS A 21 4.44 -4.90 -6.00
N GLY A 22 5.40 -5.54 -5.38
CA GLY A 22 6.70 -5.73 -5.97
C GLY A 22 7.74 -5.92 -4.92
N ILE A 23 8.98 -6.05 -5.33
CA ILE A 23 10.10 -6.24 -4.43
C ILE A 23 10.32 -4.98 -3.61
N ARG A 24 10.14 -3.85 -4.25
CA ARG A 24 10.34 -2.55 -3.61
C ARG A 24 9.00 -1.98 -3.14
N PHE A 25 7.91 -2.54 -3.62
CA PHE A 25 6.61 -1.95 -3.42
C PHE A 25 5.67 -2.81 -2.61
N LEU A 26 4.92 -2.18 -1.80
CA LEU A 26 3.91 -2.78 -0.98
C LEU A 26 2.57 -2.29 -1.50
N TYR A 27 1.54 -3.03 -1.28
CA TYR A 27 0.24 -2.64 -1.73
C TYR A 27 -0.50 -2.12 -0.52
N CYS A 28 -0.67 -0.84 -0.46
CA CYS A 28 -1.24 -0.22 0.70
C CYS A 28 -2.53 0.47 0.34
N CYS A 29 -3.54 0.25 1.12
CA CYS A 29 -4.82 0.85 0.86
C CYS A 29 -5.06 1.95 1.88
N PRO A 30 -5.65 3.07 1.45
CA PRO A 30 -5.94 4.19 2.33
C PRO A 30 -7.02 3.84 3.37
N ARG A 31 -7.03 4.56 4.47
CA ARG A 31 -8.03 4.33 5.48
C ARG A 31 -9.28 5.13 5.15
N ARG A 32 -9.07 6.19 4.44
CA ARG A 32 -10.10 7.08 4.01
C ARG A 32 -9.55 7.93 2.89
N GLY A 1 -13.70 -2.54 -6.62
CA GLY A 1 -13.03 -2.84 -5.35
C GLY A 1 -12.47 -1.59 -4.73
N LEU A 2 -11.57 -1.75 -3.78
CA LEU A 2 -10.95 -0.63 -3.09
C LEU A 2 -9.69 -0.24 -3.83
N LEU A 3 -9.39 1.04 -3.82
CA LEU A 3 -8.27 1.52 -4.57
C LEU A 3 -7.06 1.66 -3.67
N CYS A 4 -6.08 0.85 -3.91
CA CYS A 4 -4.89 0.83 -3.11
C CYS A 4 -3.71 1.29 -3.95
N TYR A 5 -2.62 1.65 -3.33
CA TYR A 5 -1.50 2.24 -4.02
C TYR A 5 -0.33 1.31 -3.96
N CYS A 6 0.41 1.29 -5.01
CA CYS A 6 1.64 0.58 -5.06
C CYS A 6 2.73 1.60 -4.79
N ARG A 7 3.25 1.58 -3.61
CA ARG A 7 4.21 2.57 -3.24
C ARG A 7 5.50 1.98 -2.73
N LYS A 8 6.53 2.76 -2.82
CA LYS A 8 7.88 2.37 -2.53
C LYS A 8 8.19 2.45 -1.04
N GLY A 9 8.89 1.46 -0.54
CA GLY A 9 9.38 1.49 0.82
C GLY A 9 8.41 0.98 1.84
N HIS A 10 7.31 1.67 2.00
CA HIS A 10 6.32 1.35 2.99
C HIS A 10 5.07 2.13 2.68
N CYS A 11 4.02 1.92 3.43
CA CYS A 11 2.80 2.62 3.19
C CYS A 11 2.86 3.99 3.84
N LYS A 12 1.94 4.85 3.47
CA LYS A 12 1.84 6.16 4.09
C LYS A 12 1.21 6.02 5.47
N ARG A 13 1.19 7.07 6.22
CA ARG A 13 0.60 7.05 7.52
C ARG A 13 -0.91 7.08 7.36
N GLY A 14 -1.55 6.02 7.74
CA GLY A 14 -2.97 5.92 7.59
C GLY A 14 -3.32 4.87 6.57
N GLU A 15 -2.31 4.34 5.91
CA GLU A 15 -2.52 3.31 4.96
C GLU A 15 -2.33 1.95 5.61
N ARG A 16 -3.03 1.00 5.08
CA ARG A 16 -3.00 -0.36 5.51
C ARG A 16 -2.37 -1.18 4.43
N VAL A 17 -1.42 -1.98 4.78
CA VAL A 17 -0.79 -2.81 3.79
C VAL A 17 -1.73 -3.94 3.37
N ARG A 18 -1.93 -4.06 2.07
CA ARG A 18 -2.79 -5.07 1.49
C ARG A 18 -1.94 -6.29 1.20
N DAL A 19 -0.70 -6.02 0.90
CA DAL A 19 0.31 -7.01 0.59
CB DAL A 19 0.78 -7.73 1.86
C DAL A 19 1.47 -6.30 -0.07
O DAL A 19 1.62 -5.08 0.06
H DAL A 19 -0.44 -5.07 0.87
HA DAL A 19 -0.11 -7.73 -0.10
HB1 DAL A 19 -0.05 -8.22 2.32
HB2 DAL A 19 1.22 -7.01 2.54
HB3 DAL A 19 1.53 -8.46 1.59
N THR A 20 2.27 -7.01 -0.79
CA THR A 20 3.38 -6.45 -1.47
C THR A 20 3.01 -6.16 -2.91
N CYS A 21 3.73 -5.30 -3.54
CA CYS A 21 3.48 -4.97 -4.92
C CYS A 21 4.75 -5.25 -5.73
N GLY A 22 5.74 -5.72 -5.04
CA GLY A 22 7.00 -5.99 -5.62
C GLY A 22 7.97 -6.23 -4.54
N ILE A 23 9.23 -6.00 -4.80
CA ILE A 23 10.26 -6.23 -3.81
C ILE A 23 10.30 -5.05 -2.84
N ARG A 24 10.55 -3.88 -3.38
CA ARG A 24 10.63 -2.69 -2.56
C ARG A 24 9.34 -1.92 -2.56
N PHE A 25 8.32 -2.47 -3.17
CA PHE A 25 7.04 -1.84 -3.26
C PHE A 25 5.99 -2.65 -2.55
N LEU A 26 5.15 -1.96 -1.88
CA LEU A 26 4.07 -2.55 -1.13
C LEU A 26 2.77 -2.05 -1.68
N TYR A 27 1.75 -2.82 -1.51
CA TYR A 27 0.45 -2.47 -1.97
C TYR A 27 -0.32 -2.05 -0.76
N CYS A 28 -0.56 -0.80 -0.62
CA CYS A 28 -1.16 -0.27 0.57
C CYS A 28 -2.45 0.46 0.25
N CYS A 29 -3.47 0.19 1.01
CA CYS A 29 -4.76 0.79 0.80
C CYS A 29 -4.96 1.86 1.86
N PRO A 30 -5.65 2.95 1.56
CA PRO A 30 -5.91 4.02 2.52
C PRO A 30 -6.90 3.55 3.60
N ARG A 31 -6.99 4.28 4.71
CA ARG A 31 -7.98 3.96 5.74
C ARG A 31 -9.36 4.46 5.33
N ARG A 32 -9.41 5.13 4.21
CA ARG A 32 -10.62 5.61 3.63
C ARG A 32 -11.26 4.50 2.82
N GLY A 1 -12.54 -1.43 -9.08
CA GLY A 1 -13.10 -1.87 -7.81
C GLY A 1 -12.69 -0.95 -6.69
N LEU A 2 -12.03 -1.49 -5.68
CA LEU A 2 -11.56 -0.72 -4.55
C LEU A 2 -10.11 -0.29 -4.78
N LEU A 3 -9.83 0.94 -4.50
CA LEU A 3 -8.50 1.50 -4.78
C LEU A 3 -7.49 1.24 -3.66
N CYS A 4 -6.31 0.85 -4.06
CA CYS A 4 -5.16 0.76 -3.19
C CYS A 4 -3.97 1.28 -3.98
N TYR A 5 -2.89 1.59 -3.33
CA TYR A 5 -1.74 2.14 -3.98
C TYR A 5 -0.58 1.18 -3.91
N CYS A 6 0.32 1.32 -4.84
CA CYS A 6 1.53 0.56 -4.86
C CYS A 6 2.63 1.49 -4.36
N ARG A 7 3.05 1.26 -3.15
CA ARG A 7 3.95 2.13 -2.45
C ARG A 7 5.36 1.60 -2.44
N LYS A 8 6.27 2.41 -2.84
CA LYS A 8 7.67 2.08 -2.75
C LYS A 8 8.20 2.42 -1.35
N GLY A 9 8.87 1.49 -0.76
CA GLY A 9 9.44 1.69 0.55
C GLY A 9 8.53 1.22 1.64
N HIS A 10 7.37 1.84 1.73
CA HIS A 10 6.38 1.58 2.75
C HIS A 10 5.20 2.45 2.41
N CYS A 11 4.17 2.43 3.19
CA CYS A 11 3.01 3.19 2.87
C CYS A 11 3.10 4.60 3.46
N LYS A 12 2.13 5.42 3.17
CA LYS A 12 2.06 6.75 3.75
C LYS A 12 1.54 6.57 5.15
N ARG A 13 1.63 7.59 5.94
CA ARG A 13 1.19 7.52 7.31
C ARG A 13 -0.32 7.44 7.37
N GLY A 14 -0.82 6.32 7.84
CA GLY A 14 -2.24 6.14 7.96
C GLY A 14 -2.77 5.12 6.99
N GLU A 15 -1.95 4.70 6.04
CA GLU A 15 -2.37 3.69 5.10
C GLU A 15 -2.26 2.31 5.72
N ARG A 16 -3.00 1.39 5.20
CA ARG A 16 -2.98 0.05 5.71
C ARG A 16 -2.41 -0.85 4.65
N VAL A 17 -1.39 -1.59 4.99
CA VAL A 17 -0.75 -2.45 4.04
C VAL A 17 -1.58 -3.72 3.85
N ARG A 18 -1.84 -4.05 2.62
CA ARG A 18 -2.59 -5.21 2.29
C ARG A 18 -1.64 -6.37 2.03
N DAL A 19 -0.48 -6.02 1.48
CA DAL A 19 0.57 -6.99 1.19
CB DAL A 19 1.19 -7.53 2.48
C DAL A 19 1.63 -6.33 0.35
O DAL A 19 1.93 -5.15 0.54
H DAL A 19 -0.33 -5.09 1.24
HA DAL A 19 0.13 -7.81 0.64
HB1 DAL A 19 1.63 -6.72 3.03
HB2 DAL A 19 1.95 -8.25 2.23
HB3 DAL A 19 0.42 -8.01 3.08
N THR A 20 2.19 -7.04 -0.58
CA THR A 20 3.27 -6.54 -1.37
C THR A 20 2.81 -6.24 -2.79
N CYS A 21 3.49 -5.32 -3.41
CA CYS A 21 3.24 -4.96 -4.80
C CYS A 21 4.53 -5.20 -5.61
N GLY A 22 5.54 -5.66 -4.92
CA GLY A 22 6.81 -5.92 -5.51
C GLY A 22 7.80 -6.27 -4.45
N ILE A 23 9.07 -6.07 -4.70
CA ILE A 23 10.10 -6.33 -3.72
C ILE A 23 10.19 -5.12 -2.79
N ARG A 24 10.35 -3.97 -3.39
CA ARG A 24 10.46 -2.72 -2.67
C ARG A 24 9.13 -2.02 -2.59
N PHE A 25 8.12 -2.67 -3.08
CA PHE A 25 6.83 -2.07 -3.14
C PHE A 25 5.84 -2.85 -2.34
N LEU A 26 5.07 -2.13 -1.63
CA LEU A 26 4.04 -2.66 -0.79
C LEU A 26 2.71 -2.25 -1.36
N TYR A 27 1.72 -3.01 -1.13
CA TYR A 27 0.42 -2.71 -1.60
C TYR A 27 -0.33 -2.16 -0.43
N CYS A 28 -0.56 -0.89 -0.45
CA CYS A 28 -1.14 -0.21 0.67
C CYS A 28 -2.44 0.42 0.28
N CYS A 29 -3.43 0.21 1.05
CA CYS A 29 -4.71 0.75 0.79
C CYS A 29 -4.98 1.89 1.75
N PRO A 30 -5.90 2.81 1.42
CA PRO A 30 -6.32 3.88 2.31
C PRO A 30 -6.81 3.36 3.68
N ARG A 31 -6.91 4.25 4.66
CA ARG A 31 -7.33 3.87 6.00
C ARG A 31 -8.81 3.49 6.05
N ARG A 32 -9.52 3.77 5.01
CA ARG A 32 -10.90 3.41 4.92
C ARG A 32 -11.00 2.18 4.03
N GLY A 1 -14.46 -1.56 -6.31
CA GLY A 1 -13.48 -1.90 -5.27
C GLY A 1 -12.60 -0.73 -4.96
N LEU A 2 -11.84 -0.82 -3.89
CA LEU A 2 -11.01 0.27 -3.46
C LEU A 2 -9.69 0.28 -4.19
N LEU A 3 -9.19 1.44 -4.42
CA LEU A 3 -7.93 1.61 -5.09
C LEU A 3 -6.84 1.65 -4.05
N CYS A 4 -5.88 0.81 -4.19
CA CYS A 4 -4.78 0.80 -3.27
C CYS A 4 -3.54 1.22 -4.05
N TYR A 5 -2.51 1.58 -3.37
CA TYR A 5 -1.36 2.15 -3.98
C TYR A 5 -0.16 1.29 -3.77
N CYS A 6 0.66 1.18 -4.78
CA CYS A 6 1.89 0.50 -4.67
C CYS A 6 2.92 1.47 -4.16
N ARG A 7 3.32 1.25 -2.95
CA ARG A 7 4.19 2.12 -2.22
C ARG A 7 5.60 1.64 -2.26
N LYS A 8 6.48 2.52 -2.56
CA LYS A 8 7.86 2.24 -2.59
C LYS A 8 8.44 2.36 -1.20
N GLY A 9 8.79 1.26 -0.62
CA GLY A 9 9.41 1.29 0.67
C GLY A 9 8.43 1.15 1.80
N HIS A 10 7.51 2.08 1.88
CA HIS A 10 6.59 2.16 2.99
C HIS A 10 5.35 2.88 2.55
N CYS A 11 4.29 2.68 3.26
CA CYS A 11 3.04 3.27 2.91
C CYS A 11 2.94 4.66 3.52
N LYS A 12 1.86 5.34 3.24
CA LYS A 12 1.61 6.62 3.83
C LYS A 12 0.97 6.40 5.17
N ARG A 13 0.84 7.44 5.91
CA ARG A 13 0.27 7.34 7.22
C ARG A 13 -1.22 7.08 7.13
N GLY A 14 -1.62 5.95 7.64
CA GLY A 14 -3.00 5.59 7.64
C GLY A 14 -3.31 4.54 6.61
N GLU A 15 -2.30 4.13 5.87
CA GLU A 15 -2.49 3.13 4.87
C GLU A 15 -2.35 1.74 5.46
N ARG A 16 -3.24 0.90 5.07
CA ARG A 16 -3.29 -0.46 5.52
C ARG A 16 -2.51 -1.30 4.55
N VAL A 17 -1.55 -2.04 5.04
CA VAL A 17 -0.74 -2.88 4.19
C VAL A 17 -1.57 -4.08 3.75
N ARG A 18 -1.77 -4.21 2.47
CA ARG A 18 -2.57 -5.27 1.93
C ARG A 18 -1.65 -6.43 1.61
N DAL A 19 -0.43 -6.09 1.27
CA DAL A 19 0.60 -7.04 0.96
CB DAL A 19 1.18 -7.66 2.23
C DAL A 19 1.68 -6.35 0.19
O DAL A 19 1.98 -5.19 0.45
H DAL A 19 -0.19 -5.13 1.21
HA DAL A 19 0.15 -7.83 0.36
HB1 DAL A 19 1.92 -8.38 1.97
HB2 DAL A 19 0.39 -8.13 2.80
HB3 DAL A 19 1.63 -6.88 2.83
N THR A 20 2.21 -7.01 -0.77
CA THR A 20 3.30 -6.48 -1.52
C THR A 20 2.85 -6.11 -2.93
N CYS A 21 3.66 -5.34 -3.61
CA CYS A 21 3.42 -4.98 -5.01
C CYS A 21 4.76 -5.12 -5.72
N GLY A 22 5.58 -5.93 -5.13
CA GLY A 22 6.89 -6.18 -5.59
C GLY A 22 7.80 -6.36 -4.42
N ILE A 23 9.07 -6.17 -4.62
CA ILE A 23 10.03 -6.26 -3.54
C ILE A 23 10.18 -4.89 -2.90
N ARG A 24 10.41 -3.90 -3.74
CA ARG A 24 10.56 -2.54 -3.28
C ARG A 24 9.22 -1.89 -3.05
N PHE A 25 8.19 -2.46 -3.63
CA PHE A 25 6.87 -1.91 -3.52
C PHE A 25 5.95 -2.78 -2.71
N LEU A 26 5.17 -2.13 -1.93
CA LEU A 26 4.17 -2.74 -1.08
C LEU A 26 2.81 -2.29 -1.56
N TYR A 27 1.81 -3.07 -1.30
CA TYR A 27 0.48 -2.72 -1.72
C TYR A 27 -0.23 -2.20 -0.50
N CYS A 28 -0.45 -0.92 -0.47
CA CYS A 28 -1.03 -0.29 0.68
C CYS A 28 -2.35 0.35 0.29
N CYS A 29 -3.35 0.10 1.05
CA CYS A 29 -4.66 0.64 0.78
C CYS A 29 -4.95 1.80 1.72
N PRO A 30 -5.69 2.82 1.26
CA PRO A 30 -6.05 4.00 2.07
C PRO A 30 -6.85 3.64 3.33
N ARG A 31 -6.95 4.58 4.26
CA ARG A 31 -7.67 4.41 5.55
C ARG A 31 -9.21 4.32 5.37
N ARG A 32 -9.62 3.98 4.19
CA ARG A 32 -11.00 3.86 3.86
C ARG A 32 -11.48 2.51 4.31
N GLY A 1 -13.36 -1.29 -6.74
CA GLY A 1 -13.00 -1.99 -5.51
C GLY A 1 -12.29 -1.07 -4.56
N LEU A 2 -11.42 -1.63 -3.77
CA LEU A 2 -10.66 -0.88 -2.78
C LEU A 2 -9.59 -0.05 -3.49
N LEU A 3 -9.42 1.19 -3.11
CA LEU A 3 -8.42 2.04 -3.72
C LEU A 3 -7.10 1.79 -3.06
N CYS A 4 -6.09 1.48 -3.82
CA CYS A 4 -4.79 1.18 -3.27
C CYS A 4 -3.68 1.79 -4.11
N TYR A 5 -2.50 1.87 -3.53
CA TYR A 5 -1.35 2.41 -4.16
C TYR A 5 -0.16 1.48 -4.02
N CYS A 6 0.73 1.57 -4.95
CA CYS A 6 1.95 0.81 -4.93
C CYS A 6 3.00 1.67 -4.27
N ARG A 7 3.43 1.28 -3.10
CA ARG A 7 4.33 2.06 -2.30
C ARG A 7 5.67 1.42 -2.19
N LYS A 8 6.68 2.15 -2.50
CA LYS A 8 8.03 1.69 -2.34
C LYS A 8 8.51 1.92 -0.92
N GLY A 9 8.78 0.87 -0.22
CA GLY A 9 9.35 0.98 1.09
C GLY A 9 8.35 1.17 2.21
N HIS A 10 7.45 2.12 2.06
CA HIS A 10 6.52 2.45 3.12
C HIS A 10 5.28 3.05 2.54
N CYS A 11 4.20 2.88 3.23
CA CYS A 11 2.97 3.43 2.80
C CYS A 11 2.78 4.76 3.48
N LYS A 12 1.76 5.49 3.09
CA LYS A 12 1.47 6.76 3.71
C LYS A 12 0.79 6.49 5.03
N ARG A 13 0.69 7.48 5.85
CA ARG A 13 0.02 7.33 7.10
C ARG A 13 -1.46 7.40 6.82
N GLY A 14 -2.13 6.31 7.10
CA GLY A 14 -3.52 6.22 6.78
C GLY A 14 -3.73 5.08 5.81
N GLU A 15 -2.64 4.53 5.31
CA GLU A 15 -2.68 3.40 4.46
C GLU A 15 -2.26 2.19 5.24
N ARG A 16 -2.79 1.09 4.86
CA ARG A 16 -2.48 -0.18 5.46
C ARG A 16 -1.88 -1.06 4.40
N VAL A 17 -0.98 -1.93 4.80
CA VAL A 17 -0.33 -2.82 3.87
C VAL A 17 -1.31 -3.93 3.51
N ARG A 18 -1.65 -4.00 2.27
CA ARG A 18 -2.60 -4.97 1.79
C ARG A 18 -1.85 -6.20 1.34
N DAL A 19 -0.62 -5.98 0.93
CA DAL A 19 0.27 -7.03 0.47
CB DAL A 19 0.74 -7.89 1.65
C DAL A 19 1.46 -6.42 -0.21
O DAL A 19 1.84 -5.28 0.10
H DAL A 19 -0.29 -5.05 0.92
HA DAL A 19 -0.27 -7.66 -0.22
HB1 DAL A 19 1.39 -8.67 1.28
HB2 DAL A 19 -0.12 -8.33 2.14
HB3 DAL A 19 1.28 -7.27 2.35
N THR A 20 2.04 -7.11 -1.15
CA THR A 20 3.20 -6.65 -1.85
C THR A 20 2.84 -6.21 -3.26
N CYS A 21 3.55 -5.23 -3.78
CA CYS A 21 3.36 -4.76 -5.14
C CYS A 21 4.59 -5.11 -5.96
N GLY A 22 5.65 -5.41 -5.27
CA GLY A 22 6.91 -5.75 -5.86
C GLY A 22 7.80 -6.25 -4.77
N ILE A 23 9.10 -6.22 -4.98
CA ILE A 23 10.02 -6.68 -3.96
C ILE A 23 10.16 -5.59 -2.92
N ARG A 24 10.42 -4.39 -3.37
CA ARG A 24 10.55 -3.25 -2.49
C ARG A 24 9.27 -2.47 -2.40
N PHE A 25 8.25 -2.97 -3.05
CA PHE A 25 7.02 -2.27 -3.11
C PHE A 25 5.93 -3.03 -2.42
N LEU A 26 5.18 -2.32 -1.68
CA LEU A 26 4.08 -2.83 -0.94
C LEU A 26 2.82 -2.33 -1.59
N TYR A 27 1.78 -3.05 -1.42
CA TYR A 27 0.50 -2.67 -1.92
C TYR A 27 -0.21 -2.12 -0.73
N CYS A 28 -0.43 -0.85 -0.71
CA CYS A 28 -1.00 -0.21 0.45
C CYS A 28 -2.29 0.44 0.10
N CYS A 29 -3.26 0.32 0.94
CA CYS A 29 -4.55 0.90 0.66
C CYS A 29 -4.97 1.74 1.84
N PRO A 30 -5.56 2.94 1.62
CA PRO A 30 -6.12 3.76 2.68
C PRO A 30 -7.15 2.97 3.51
N ARG A 31 -7.21 3.24 4.81
CA ARG A 31 -8.05 2.49 5.72
C ARG A 31 -9.53 2.81 5.54
N ARG A 32 -9.78 3.89 4.87
CA ARG A 32 -11.11 4.35 4.62
C ARG A 32 -11.07 5.23 3.41
N GLY A 1 -13.67 -3.82 -4.73
CA GLY A 1 -12.25 -3.59 -4.93
C GLY A 1 -11.88 -2.26 -4.37
N LEU A 2 -11.00 -2.24 -3.41
CA LEU A 2 -10.60 -1.00 -2.78
C LEU A 2 -9.58 -0.29 -3.65
N LEU A 3 -9.53 1.01 -3.51
CA LEU A 3 -8.55 1.80 -4.22
C LEU A 3 -7.31 1.76 -3.38
N CYS A 4 -6.23 1.29 -3.93
CA CYS A 4 -5.01 1.16 -3.18
C CYS A 4 -3.86 1.76 -3.98
N TYR A 5 -2.70 1.84 -3.37
CA TYR A 5 -1.54 2.42 -3.98
C TYR A 5 -0.36 1.46 -3.91
N CYS A 6 0.58 1.67 -4.77
CA CYS A 6 1.80 0.93 -4.77
C CYS A 6 2.83 1.78 -4.07
N ARG A 7 3.19 1.36 -2.88
CA ARG A 7 4.05 2.12 -2.02
C ARG A 7 5.46 1.62 -2.03
N LYS A 8 6.36 2.52 -2.27
CA LYS A 8 7.75 2.24 -2.27
C LYS A 8 8.28 2.29 -0.85
N GLY A 9 8.73 1.17 -0.36
CA GLY A 9 9.33 1.12 0.94
C GLY A 9 8.35 1.00 2.08
N HIS A 10 7.40 1.88 2.12
CA HIS A 10 6.47 1.95 3.20
C HIS A 10 5.23 2.66 2.74
N CYS A 11 4.17 2.47 3.46
CA CYS A 11 2.94 3.10 3.12
C CYS A 11 2.87 4.44 3.83
N LYS A 12 1.80 5.17 3.61
CA LYS A 12 1.62 6.42 4.28
C LYS A 12 1.02 6.16 5.64
N ARG A 13 0.94 7.20 6.44
CA ARG A 13 0.38 7.10 7.75
C ARG A 13 -1.10 6.81 7.67
N GLY A 14 -1.46 5.63 8.08
CA GLY A 14 -2.84 5.26 8.10
C GLY A 14 -3.22 4.37 6.95
N GLU A 15 -2.25 3.93 6.18
CA GLU A 15 -2.54 3.01 5.10
C GLU A 15 -2.39 1.59 5.56
N ARG A 16 -3.20 0.74 5.03
CA ARG A 16 -3.16 -0.66 5.38
C ARG A 16 -2.36 -1.39 4.35
N VAL A 17 -1.52 -2.28 4.77
CA VAL A 17 -0.77 -3.07 3.85
C VAL A 17 -1.67 -4.19 3.36
N ARG A 18 -1.89 -4.21 2.09
CA ARG A 18 -2.75 -5.18 1.47
C ARG A 18 -1.90 -6.38 1.06
N DAL A 19 -0.66 -6.09 0.77
CA DAL A 19 0.33 -7.08 0.41
CB DAL A 19 0.84 -7.79 1.65
C DAL A 19 1.49 -6.41 -0.27
O DAL A 19 1.81 -5.26 0.05
H DAL A 19 -0.40 -5.14 0.78
HA DAL A 19 -0.12 -7.81 -0.26
HB1 DAL A 19 1.33 -7.09 2.29
HB2 DAL A 19 1.53 -8.57 1.36
HB3 DAL A 19 0.00 -8.23 2.17
N THR A 20 2.11 -7.08 -1.19
CA THR A 20 3.24 -6.55 -1.89
C THR A 20 2.84 -6.09 -3.29
N CYS A 21 3.51 -5.09 -3.79
CA CYS A 21 3.27 -4.60 -5.14
C CYS A 21 4.46 -4.96 -6.02
N GLY A 22 5.55 -5.24 -5.37
CA GLY A 22 6.77 -5.60 -6.01
C GLY A 22 7.73 -6.10 -4.99
N ILE A 23 8.99 -5.89 -5.20
CA ILE A 23 9.99 -6.30 -4.25
C ILE A 23 10.20 -5.17 -3.25
N ARG A 24 10.35 -3.97 -3.76
CA ARG A 24 10.57 -2.80 -2.93
C ARG A 24 9.27 -2.08 -2.69
N PHE A 25 8.22 -2.59 -3.27
CA PHE A 25 6.95 -1.94 -3.22
C PHE A 25 5.92 -2.80 -2.55
N LEU A 26 5.14 -2.17 -1.76
CA LEU A 26 4.07 -2.76 -1.02
C LEU A 26 2.77 -2.25 -1.59
N TYR A 27 1.74 -3.00 -1.45
CA TYR A 27 0.46 -2.60 -1.92
C TYR A 27 -0.27 -2.11 -0.70
N CYS A 28 -0.48 -0.84 -0.61
CA CYS A 28 -1.07 -0.27 0.57
C CYS A 28 -2.32 0.46 0.20
N CYS A 29 -3.34 0.29 0.95
CA CYS A 29 -4.59 0.92 0.67
C CYS A 29 -4.81 2.07 1.65
N PRO A 30 -5.32 3.21 1.17
CA PRO A 30 -5.60 4.38 2.00
C PRO A 30 -6.70 4.12 3.00
N ARG A 31 -6.79 4.98 3.98
CA ARG A 31 -7.78 4.90 5.07
C ARG A 31 -9.21 5.29 4.57
N ARG A 32 -9.41 5.21 3.28
CA ARG A 32 -10.62 5.59 2.65
C ARG A 32 -10.91 4.59 1.54
N GLY A 1 -13.38 -1.84 -7.30
CA GLY A 1 -12.66 -1.97 -6.04
C GLY A 1 -12.09 -0.66 -5.61
N LEU A 2 -11.68 -0.58 -4.36
CA LEU A 2 -11.10 0.65 -3.82
C LEU A 2 -9.70 0.87 -4.37
N LEU A 3 -9.31 2.12 -4.47
CA LEU A 3 -8.00 2.48 -4.98
C LEU A 3 -6.93 2.24 -3.94
N CYS A 4 -6.09 1.30 -4.20
CA CYS A 4 -4.99 0.98 -3.35
C CYS A 4 -3.72 1.28 -4.12
N TYR A 5 -2.66 1.58 -3.45
CA TYR A 5 -1.50 2.10 -4.11
C TYR A 5 -0.33 1.15 -4.05
N CYS A 6 0.36 1.09 -5.13
CA CYS A 6 1.58 0.37 -5.22
C CYS A 6 2.68 1.39 -5.00
N ARG A 7 3.26 1.37 -3.83
CA ARG A 7 4.25 2.35 -3.46
C ARG A 7 5.46 1.72 -2.82
N LYS A 8 6.62 2.32 -3.06
CA LYS A 8 7.89 1.79 -2.60
C LYS A 8 8.20 2.19 -1.17
N GLY A 9 8.87 1.31 -0.47
CA GLY A 9 9.34 1.61 0.86
C GLY A 9 8.37 1.20 1.92
N HIS A 10 7.34 1.98 2.09
CA HIS A 10 6.34 1.77 3.12
C HIS A 10 5.08 2.48 2.70
N CYS A 11 4.05 2.36 3.48
CA CYS A 11 2.83 3.00 3.14
C CYS A 11 2.80 4.41 3.73
N LYS A 12 1.91 5.22 3.21
CA LYS A 12 1.72 6.59 3.70
C LYS A 12 1.01 6.53 5.04
N ARG A 13 0.91 7.66 5.69
CA ARG A 13 0.18 7.76 6.92
C ARG A 13 -1.30 7.64 6.60
N GLY A 14 -1.93 6.63 7.12
CA GLY A 14 -3.32 6.43 6.87
C GLY A 14 -3.57 5.23 6.01
N GLU A 15 -2.51 4.62 5.56
CA GLU A 15 -2.61 3.44 4.75
C GLU A 15 -2.26 2.21 5.58
N ARG A 16 -2.75 1.10 5.16
CA ARG A 16 -2.46 -0.17 5.76
C ARG A 16 -1.87 -1.05 4.71
N VAL A 17 -0.86 -1.82 5.08
CA VAL A 17 -0.23 -2.74 4.16
C VAL A 17 -1.23 -3.84 3.84
N ARG A 18 -1.58 -3.95 2.58
CA ARG A 18 -2.54 -4.92 2.13
C ARG A 18 -1.79 -6.15 1.67
N DAL A 19 -0.56 -5.93 1.32
CA DAL A 19 0.34 -6.96 0.87
CB DAL A 19 0.87 -7.78 2.05
C DAL A 19 1.46 -6.27 0.16
O DAL A 19 1.75 -5.11 0.43
H DAL A 19 -0.22 -5.01 1.35
HA DAL A 19 -0.19 -7.60 0.19
HB1 DAL A 19 1.54 -8.54 1.68
HB2 DAL A 19 0.05 -8.25 2.55
HB3 DAL A 19 1.38 -7.14 2.74
N THR A 20 2.08 -6.94 -0.73
CA THR A 20 3.16 -6.38 -1.45
C THR A 20 2.79 -6.22 -2.91
N CYS A 21 3.55 -5.41 -3.60
CA CYS A 21 3.36 -5.16 -5.02
C CYS A 21 4.74 -5.38 -5.65
N GLY A 22 5.51 -6.17 -4.96
CA GLY A 22 6.86 -6.45 -5.32
C GLY A 22 7.67 -6.65 -4.09
N ILE A 23 8.91 -6.32 -4.15
CA ILE A 23 9.79 -6.42 -3.01
C ILE A 23 9.94 -5.03 -2.41
N ARG A 24 10.28 -4.09 -3.28
CA ARG A 24 10.43 -2.72 -2.89
C ARG A 24 9.10 -2.03 -2.77
N PHE A 25 8.14 -2.53 -3.49
CA PHE A 25 6.83 -1.96 -3.51
C PHE A 25 5.86 -2.76 -2.71
N LEU A 26 5.10 -2.07 -1.97
CA LEU A 26 4.10 -2.62 -1.12
C LEU A 26 2.77 -2.23 -1.67
N TYR A 27 1.78 -3.00 -1.36
CA TYR A 27 0.47 -2.70 -1.76
C TYR A 27 -0.19 -2.14 -0.54
N CYS A 28 -0.40 -0.89 -0.54
CA CYS A 28 -0.95 -0.23 0.61
C CYS A 28 -2.23 0.43 0.23
N CYS A 29 -3.18 0.35 1.09
CA CYS A 29 -4.44 0.92 0.79
C CYS A 29 -4.86 1.71 2.00
N PRO A 30 -5.58 2.82 1.79
CA PRO A 30 -6.10 3.66 2.86
C PRO A 30 -6.87 2.82 3.90
N ARG A 31 -6.86 3.27 5.13
CA ARG A 31 -7.50 2.55 6.23
C ARG A 31 -9.02 2.61 6.15
N ARG A 32 -9.54 3.35 5.21
CA ARG A 32 -10.96 3.41 5.02
C ARG A 32 -11.41 2.19 4.23
N GLY A 1 -15.48 0.24 -5.01
CA GLY A 1 -14.25 -0.53 -5.00
C GLY A 1 -13.10 0.32 -4.51
N LEU A 2 -12.33 -0.22 -3.61
CA LEU A 2 -11.21 0.49 -3.03
C LEU A 2 -9.95 0.24 -3.85
N LEU A 3 -9.37 1.29 -4.39
CA LEU A 3 -8.14 1.18 -5.17
C LEU A 3 -6.95 1.20 -4.25
N CYS A 4 -5.95 0.41 -4.55
CA CYS A 4 -4.79 0.29 -3.70
C CYS A 4 -3.56 0.81 -4.44
N TYR A 5 -2.54 1.13 -3.70
CA TYR A 5 -1.35 1.72 -4.25
C TYR A 5 -0.19 0.79 -4.10
N CYS A 6 0.61 0.72 -5.13
CA CYS A 6 1.85 0.08 -5.02
C CYS A 6 2.84 1.17 -4.78
N ARG A 7 3.26 1.30 -3.57
CA ARG A 7 4.16 2.36 -3.25
C ARG A 7 5.42 1.85 -2.61
N LYS A 8 6.49 2.52 -2.93
CA LYS A 8 7.80 2.17 -2.53
C LYS A 8 8.06 2.52 -1.06
N GLY A 9 8.77 1.64 -0.40
CA GLY A 9 9.17 1.89 0.95
C GLY A 9 8.15 1.42 1.95
N HIS A 10 7.05 2.11 2.02
CA HIS A 10 6.02 1.85 2.98
C HIS A 10 4.74 2.46 2.49
N CYS A 11 3.68 2.25 3.21
CA CYS A 11 2.42 2.81 2.85
C CYS A 11 2.32 4.21 3.43
N LYS A 12 1.34 4.97 2.99
CA LYS A 12 1.10 6.28 3.57
C LYS A 12 0.50 6.09 4.94
N ARG A 13 0.46 7.14 5.69
CA ARG A 13 -0.13 7.07 6.98
C ARG A 13 -1.62 7.12 6.80
N GLY A 14 -2.25 6.03 7.12
CA GLY A 14 -3.66 5.88 6.89
C GLY A 14 -3.91 4.72 5.94
N GLU A 15 -2.83 4.19 5.40
CA GLU A 15 -2.91 3.06 4.53
C GLU A 15 -2.52 1.81 5.28
N ARG A 16 -3.16 0.74 4.94
CA ARG A 16 -2.92 -0.54 5.51
C ARG A 16 -2.13 -1.33 4.51
N VAL A 17 -1.18 -2.08 4.97
CA VAL A 17 -0.43 -2.91 4.08
C VAL A 17 -1.30 -4.12 3.69
N ARG A 18 -1.48 -4.30 2.42
CA ARG A 18 -2.30 -5.34 1.87
C ARG A 18 -1.40 -6.49 1.45
N DAL A 19 -0.15 -6.17 1.30
CA DAL A 19 0.88 -7.13 0.97
CB DAL A 19 1.38 -7.81 2.24
C DAL A 19 2.02 -6.41 0.28
O DAL A 19 2.25 -5.23 0.54
H DAL A 19 0.11 -5.24 1.40
HA DAL A 19 0.47 -7.87 0.31
HB1 DAL A 19 1.81 -7.08 2.89
HB2 DAL A 19 2.12 -8.55 1.98
HB3 DAL A 19 0.55 -8.28 2.74
N THR A 20 2.70 -7.07 -0.59
CA THR A 20 3.76 -6.46 -1.34
C THR A 20 3.39 -6.38 -2.83
N CYS A 21 3.97 -5.42 -3.52
CA CYS A 21 3.70 -5.21 -4.94
C CYS A 21 5.05 -5.18 -5.65
N GLY A 22 6.00 -5.83 -5.04
CA GLY A 22 7.32 -5.89 -5.54
C GLY A 22 8.25 -6.12 -4.39
N ILE A 23 9.50 -5.83 -4.57
CA ILE A 23 10.47 -5.98 -3.52
C ILE A 23 10.49 -4.74 -2.66
N ARG A 24 10.61 -3.60 -3.30
CA ARG A 24 10.66 -2.33 -2.59
C ARG A 24 9.31 -1.67 -2.55
N PHE A 25 8.35 -2.28 -3.18
CA PHE A 25 7.02 -1.75 -3.22
C PHE A 25 6.08 -2.60 -2.47
N LEU A 26 5.29 -1.98 -1.71
CA LEU A 26 4.30 -2.62 -0.93
C LEU A 26 2.97 -2.32 -1.53
N TYR A 27 2.05 -3.19 -1.31
CA TYR A 27 0.73 -3.03 -1.80
C TYR A 27 -0.06 -2.51 -0.65
N CYS A 28 -0.39 -1.28 -0.69
CA CYS A 28 -1.04 -0.67 0.42
C CYS A 28 -2.36 -0.11 -0.01
N CYS A 29 -3.31 -0.16 0.87
CA CYS A 29 -4.60 0.35 0.55
C CYS A 29 -5.06 1.23 1.69
N PRO A 30 -5.65 2.36 1.36
CA PRO A 30 -6.08 3.36 2.34
C PRO A 30 -7.23 2.85 3.20
N ARG A 31 -7.15 3.09 4.50
CA ARG A 31 -8.24 2.71 5.37
C ARG A 31 -9.25 3.81 5.36
N ARG A 32 -8.73 5.02 5.40
CA ARG A 32 -9.45 6.29 5.40
C ARG A 32 -8.50 7.35 5.88
N GLY A 1 -13.11 -2.75 -7.30
CA GLY A 1 -11.82 -3.14 -6.74
C GLY A 1 -11.33 -2.10 -5.77
N LEU A 2 -10.44 -2.49 -4.89
CA LEU A 2 -9.90 -1.56 -3.91
C LEU A 2 -8.88 -0.64 -4.55
N LEU A 3 -9.11 0.64 -4.42
CA LEU A 3 -8.15 1.62 -4.90
C LEU A 3 -7.06 1.72 -3.89
N CYS A 4 -5.90 1.32 -4.26
CA CYS A 4 -4.79 1.34 -3.37
C CYS A 4 -3.58 1.90 -4.10
N TYR A 5 -2.52 2.07 -3.40
CA TYR A 5 -1.35 2.66 -3.94
C TYR A 5 -0.20 1.68 -3.87
N CYS A 6 0.65 1.73 -4.85
CA CYS A 6 1.83 0.92 -4.88
C CYS A 6 2.95 1.73 -4.25
N ARG A 7 3.25 1.37 -3.04
CA ARG A 7 4.14 2.12 -2.19
C ARG A 7 5.51 1.53 -2.15
N LYS A 8 6.47 2.34 -2.40
CA LYS A 8 7.85 1.97 -2.29
C LYS A 8 8.32 2.18 -0.86
N GLY A 9 8.97 1.22 -0.29
CA GLY A 9 9.50 1.40 1.04
C GLY A 9 8.47 1.20 2.13
N HIS A 10 7.46 2.05 2.14
CA HIS A 10 6.47 2.06 3.18
C HIS A 10 5.23 2.71 2.64
N CYS A 11 4.16 2.65 3.38
CA CYS A 11 2.96 3.30 2.98
C CYS A 11 2.95 4.70 3.55
N LYS A 12 1.95 5.47 3.24
CA LYS A 12 1.83 6.78 3.82
C LYS A 12 1.26 6.60 5.21
N ARG A 13 1.32 7.64 5.97
CA ARG A 13 0.80 7.61 7.29
C ARG A 13 -0.70 7.75 7.21
N GLY A 14 -1.38 6.69 7.54
CA GLY A 14 -2.81 6.66 7.41
C GLY A 14 -3.24 5.67 6.34
N GLU A 15 -2.30 4.87 5.87
CA GLU A 15 -2.60 3.81 4.94
C GLU A 15 -2.47 2.46 5.62
N ARG A 16 -3.07 1.47 5.05
CA ARG A 16 -3.04 0.12 5.54
C ARG A 16 -2.41 -0.77 4.51
N VAL A 17 -1.63 -1.72 4.96
CA VAL A 17 -0.96 -2.63 4.08
C VAL A 17 -1.96 -3.67 3.56
N ARG A 18 -2.01 -3.85 2.28
CA ARG A 18 -2.88 -4.82 1.67
C ARG A 18 -2.05 -6.04 1.32
N DAL A 19 -0.79 -5.80 1.04
CA DAL A 19 0.15 -6.84 0.70
CB DAL A 19 0.68 -7.50 1.96
C DAL A 19 1.28 -6.24 -0.07
O DAL A 19 1.69 -5.12 0.21
H DAL A 19 -0.48 -4.88 1.05
HA DAL A 19 -0.36 -7.59 0.10
HB1 DAL A 19 1.35 -8.31 1.69
HB2 DAL A 19 -0.12 -7.88 2.56
HB3 DAL A 19 1.23 -6.77 2.54
N THR A 20 1.77 -6.95 -1.04
CA THR A 20 2.87 -6.48 -1.80
C THR A 20 2.44 -5.98 -3.18
N CYS A 21 3.29 -5.20 -3.80
CA CYS A 21 3.11 -4.71 -5.16
C CYS A 21 4.39 -5.03 -5.90
N GLY A 22 5.09 -5.97 -5.34
CA GLY A 22 6.37 -6.35 -5.81
C GLY A 22 7.19 -6.76 -4.63
N ILE A 23 8.48 -6.59 -4.73
CA ILE A 23 9.36 -6.90 -3.64
C ILE A 23 9.75 -5.61 -2.93
N ARG A 24 10.18 -4.63 -3.72
CA ARG A 24 10.59 -3.33 -3.22
C ARG A 24 9.39 -2.40 -3.04
N PHE A 25 8.24 -2.87 -3.48
CA PHE A 25 7.01 -2.12 -3.37
C PHE A 25 5.95 -2.95 -2.68
N LEU A 26 5.16 -2.29 -1.92
CA LEU A 26 4.07 -2.88 -1.18
C LEU A 26 2.76 -2.21 -1.56
N TYR A 27 1.69 -2.90 -1.40
CA TYR A 27 0.40 -2.43 -1.79
C TYR A 27 -0.29 -1.89 -0.57
N CYS A 28 -0.53 -0.62 -0.54
CA CYS A 28 -1.12 0.02 0.61
C CYS A 28 -2.40 0.72 0.21
N CYS A 29 -3.42 0.56 1.00
CA CYS A 29 -4.71 1.14 0.71
C CYS A 29 -5.03 2.17 1.80
N PRO A 30 -5.98 3.09 1.55
CA PRO A 30 -6.46 4.06 2.56
C PRO A 30 -6.92 3.38 3.89
N ARG A 31 -7.06 4.18 4.96
CA ARG A 31 -7.47 3.65 6.29
C ARG A 31 -8.97 3.41 6.38
N ARG A 32 -9.61 3.42 5.25
CA ARG A 32 -11.03 3.15 5.13
C ARG A 32 -11.31 1.68 5.41
N GLY A 1 -14.09 1.12 -6.99
CA GLY A 1 -13.69 -0.06 -6.24
C GLY A 1 -12.75 0.33 -5.13
N LEU A 2 -12.33 -0.64 -4.35
CA LEU A 2 -11.41 -0.38 -3.25
C LEU A 2 -10.05 -0.03 -3.82
N LEU A 3 -9.57 1.14 -3.53
CA LEU A 3 -8.33 1.60 -4.09
C LEU A 3 -7.20 1.30 -3.16
N CYS A 4 -6.17 0.72 -3.69
CA CYS A 4 -4.95 0.45 -2.97
C CYS A 4 -3.82 0.97 -3.81
N TYR A 5 -2.71 1.26 -3.20
CA TYR A 5 -1.61 1.82 -3.89
C TYR A 5 -0.36 1.00 -3.73
N CYS A 6 0.39 0.96 -4.79
CA CYS A 6 1.65 0.30 -4.82
C CYS A 6 2.68 1.28 -4.27
N ARG A 7 3.09 1.02 -3.07
CA ARG A 7 3.92 1.92 -2.31
C ARG A 7 5.34 1.46 -2.24
N LYS A 8 6.23 2.30 -2.61
CA LYS A 8 7.63 2.00 -2.49
C LYS A 8 8.09 2.34 -1.10
N GLY A 9 8.82 1.46 -0.50
CA GLY A 9 9.34 1.72 0.82
C GLY A 9 8.33 1.46 1.92
N HIS A 10 7.25 2.20 1.92
CA HIS A 10 6.24 2.13 2.95
C HIS A 10 4.99 2.78 2.45
N CYS A 11 3.94 2.71 3.21
CA CYS A 11 2.69 3.23 2.79
C CYS A 11 2.50 4.66 3.29
N LYS A 12 1.33 5.23 3.05
CA LYS A 12 0.99 6.54 3.57
C LYS A 12 0.47 6.37 4.98
N ARG A 13 0.30 7.45 5.68
CA ARG A 13 -0.20 7.40 7.02
C ARG A 13 -1.70 7.19 6.94
N GLY A 14 -2.16 6.05 7.32
CA GLY A 14 -3.54 5.73 7.17
C GLY A 14 -3.73 4.56 6.21
N GLU A 15 -2.64 4.11 5.63
CA GLU A 15 -2.69 2.94 4.80
C GLU A 15 -2.17 1.77 5.55
N ARG A 16 -2.77 0.66 5.32
CA ARG A 16 -2.34 -0.55 5.92
C ARG A 16 -1.86 -1.48 4.85
N VAL A 17 -0.82 -2.20 5.14
CA VAL A 17 -0.21 -3.11 4.20
C VAL A 17 -1.17 -4.25 3.90
N ARG A 18 -1.38 -4.51 2.64
CA ARG A 18 -2.21 -5.61 2.20
C ARG A 18 -1.30 -6.76 1.81
N DAL A 19 -0.10 -6.41 1.39
CA DAL A 19 0.89 -7.37 0.97
CB DAL A 19 1.50 -8.08 2.17
C DAL A 19 1.96 -6.65 0.20
O DAL A 19 2.24 -5.48 0.48
H DAL A 19 0.13 -5.47 1.32
HA DAL A 19 0.40 -8.10 0.35
HB1 DAL A 19 0.73 -8.58 2.74
HB2 DAL A 19 2.00 -7.36 2.81
HB3 DAL A 19 2.22 -8.81 1.83
N THR A 20 2.51 -7.29 -0.77
CA THR A 20 3.57 -6.72 -1.52
C THR A 20 3.15 -6.42 -2.95
N CYS A 21 3.79 -5.46 -3.56
CA CYS A 21 3.52 -5.09 -4.93
C CYS A 21 4.76 -5.37 -5.78
N GLY A 22 5.86 -5.60 -5.10
CA GLY A 22 7.10 -5.85 -5.74
C GLY A 22 8.19 -6.00 -4.73
N ILE A 23 9.43 -5.81 -5.15
CA ILE A 23 10.57 -5.92 -4.27
C ILE A 23 10.65 -4.70 -3.37
N ARG A 24 10.66 -3.54 -3.97
CA ARG A 24 10.70 -2.30 -3.23
C ARG A 24 9.31 -1.79 -2.91
N PHE A 25 8.30 -2.48 -3.39
CA PHE A 25 6.96 -1.98 -3.28
C PHE A 25 6.05 -2.90 -2.48
N LEU A 26 5.27 -2.28 -1.67
CA LEU A 26 4.28 -2.91 -0.85
C LEU A 26 2.94 -2.55 -1.42
N TYR A 27 1.97 -3.35 -1.17
CA TYR A 27 0.65 -3.06 -1.63
C TYR A 27 -0.10 -2.57 -0.43
N CYS A 28 -0.41 -1.31 -0.41
CA CYS A 28 -1.02 -0.73 0.76
C CYS A 28 -2.35 -0.13 0.38
N CYS A 29 -3.34 -0.30 1.23
CA CYS A 29 -4.61 0.28 0.94
C CYS A 29 -4.94 1.31 2.01
N PRO A 30 -5.40 2.50 1.62
CA PRO A 30 -5.81 3.53 2.56
C PRO A 30 -7.09 3.14 3.29
N ARG A 31 -7.18 3.52 4.54
CA ARG A 31 -8.39 3.26 5.32
C ARG A 31 -9.52 4.17 4.86
N ARG A 32 -9.12 5.25 4.25
CA ARG A 32 -10.02 6.20 3.71
C ARG A 32 -9.39 6.81 2.46
N GLY A 1 -14.59 -0.95 -5.52
CA GLY A 1 -14.25 0.19 -6.37
C GLY A 1 -13.23 1.12 -5.74
N LEU A 2 -12.69 0.73 -4.61
CA LEU A 2 -11.67 1.53 -3.95
C LEU A 2 -10.31 1.06 -4.44
N LEU A 3 -9.44 2.00 -4.72
CA LEU A 3 -8.14 1.68 -5.26
C LEU A 3 -7.10 1.62 -4.16
N CYS A 4 -6.06 0.90 -4.43
CA CYS A 4 -4.95 0.80 -3.53
C CYS A 4 -3.72 1.29 -4.28
N TYR A 5 -2.67 1.55 -3.57
CA TYR A 5 -1.50 2.09 -4.16
C TYR A 5 -0.36 1.11 -4.07
N CYS A 6 0.38 1.02 -5.11
CA CYS A 6 1.59 0.27 -5.09
C CYS A 6 2.69 1.27 -4.92
N ARG A 7 3.23 1.35 -3.74
CA ARG A 7 4.23 2.33 -3.46
C ARG A 7 5.47 1.73 -2.87
N LYS A 8 6.58 2.37 -3.14
CA LYS A 8 7.88 1.90 -2.72
C LYS A 8 8.18 2.31 -1.30
N GLY A 9 8.89 1.46 -0.59
CA GLY A 9 9.32 1.79 0.73
C GLY A 9 8.33 1.39 1.78
N HIS A 10 7.27 2.12 1.84
CA HIS A 10 6.26 1.94 2.84
C HIS A 10 5.00 2.63 2.41
N CYS A 11 3.94 2.39 3.11
CA CYS A 11 2.70 3.03 2.82
C CYS A 11 2.69 4.38 3.48
N LYS A 12 1.82 5.24 3.04
CA LYS A 12 1.70 6.54 3.64
C LYS A 12 1.03 6.42 5.00
N ARG A 13 1.05 7.48 5.74
CA ARG A 13 0.38 7.52 7.00
C ARG A 13 -1.10 7.61 6.74
N GLY A 14 -1.78 6.57 7.08
CA GLY A 14 -3.19 6.50 6.84
C GLY A 14 -3.50 5.41 5.84
N GLU A 15 -2.50 4.63 5.49
CA GLU A 15 -2.69 3.54 4.60
C GLU A 15 -2.49 2.23 5.34
N ARG A 16 -3.18 1.23 4.89
CA ARG A 16 -3.13 -0.06 5.49
C ARG A 16 -2.44 -1.00 4.54
N VAL A 17 -1.43 -1.65 5.03
CA VAL A 17 -0.61 -2.55 4.25
C VAL A 17 -1.42 -3.78 3.88
N ARG A 18 -1.54 -4.04 2.60
CA ARG A 18 -2.28 -5.19 2.13
C ARG A 18 -1.29 -6.32 1.97
N DAL A 19 -0.08 -5.96 1.57
CA DAL A 19 1.00 -6.91 1.39
CB DAL A 19 1.63 -7.28 2.74
C DAL A 19 2.04 -6.30 0.49
O DAL A 19 2.16 -5.08 0.43
H DAL A 19 0.10 -5.02 1.34
HA DAL A 19 0.61 -7.79 0.94
HB1 DAL A 19 2.05 -6.40 3.20
HB2 DAL A 19 2.40 -8.00 2.59
HB3 DAL A 19 0.86 -7.69 3.39
N THR A 20 2.75 -7.12 -0.22
CA THR A 20 3.78 -6.65 -1.10
C THR A 20 3.30 -6.53 -2.54
N CYS A 21 3.81 -5.55 -3.22
CA CYS A 21 3.52 -5.32 -4.62
C CYS A 21 4.78 -5.58 -5.42
N GLY A 22 5.85 -5.76 -4.69
CA GLY A 22 7.14 -6.00 -5.22
C GLY A 22 8.06 -6.28 -4.06
N ILE A 23 9.33 -6.25 -4.28
CA ILE A 23 10.29 -6.44 -3.22
C ILE A 23 10.44 -5.14 -2.44
N ARG A 24 10.57 -4.05 -3.17
CA ARG A 24 10.68 -2.73 -2.61
C ARG A 24 9.32 -2.05 -2.51
N PHE A 25 8.34 -2.64 -3.15
CA PHE A 25 7.01 -2.04 -3.20
C PHE A 25 6.01 -2.80 -2.37
N LEU A 26 5.18 -2.06 -1.75
CA LEU A 26 4.13 -2.59 -0.93
C LEU A 26 2.80 -2.23 -1.56
N TYR A 27 1.82 -3.03 -1.30
CA TYR A 27 0.50 -2.80 -1.78
C TYR A 27 -0.25 -2.22 -0.61
N CYS A 28 -0.52 -0.97 -0.67
CA CYS A 28 -1.12 -0.28 0.44
C CYS A 28 -2.43 0.35 0.03
N CYS A 29 -3.46 0.03 0.73
CA CYS A 29 -4.75 0.60 0.45
C CYS A 29 -5.03 1.63 1.53
N PRO A 30 -6.02 2.52 1.35
CA PRO A 30 -6.45 3.43 2.42
C PRO A 30 -6.77 2.64 3.71
N ARG A 31 -6.69 3.28 4.86
CA ARG A 31 -6.88 2.60 6.14
C ARG A 31 -8.26 1.99 6.33
N ARG A 32 -9.20 2.52 5.63
CA ARG A 32 -10.55 2.02 5.66
C ARG A 32 -10.80 1.15 4.44
N GLY A 1 -13.85 -1.09 -6.07
CA GLY A 1 -13.15 -1.83 -5.03
C GLY A 1 -12.39 -0.87 -4.16
N LEU A 2 -11.39 -1.38 -3.47
CA LEU A 2 -10.59 -0.52 -2.63
C LEU A 2 -9.52 0.16 -3.46
N LEU A 3 -9.35 1.42 -3.23
CA LEU A 3 -8.34 2.19 -3.91
C LEU A 3 -7.06 1.99 -3.16
N CYS A 4 -6.10 1.35 -3.77
CA CYS A 4 -4.86 1.06 -3.08
C CYS A 4 -3.69 1.56 -3.90
N TYR A 5 -2.59 1.81 -3.26
CA TYR A 5 -1.45 2.35 -3.91
C TYR A 5 -0.26 1.42 -3.77
N CYS A 6 0.52 1.36 -4.80
CA CYS A 6 1.73 0.59 -4.82
C CYS A 6 2.85 1.47 -4.27
N ARG A 7 3.22 1.21 -3.04
CA ARG A 7 4.13 2.04 -2.27
C ARG A 7 5.49 1.43 -2.13
N LYS A 8 6.48 2.16 -2.48
CA LYS A 8 7.84 1.74 -2.23
C LYS A 8 8.25 2.18 -0.83
N GLY A 9 8.94 1.32 -0.13
CA GLY A 9 9.47 1.70 1.18
C GLY A 9 8.46 1.62 2.32
N HIS A 10 7.39 2.39 2.22
CA HIS A 10 6.36 2.43 3.23
C HIS A 10 5.12 3.02 2.65
N CYS A 11 4.04 2.85 3.32
CA CYS A 11 2.79 3.37 2.88
C CYS A 11 2.58 4.73 3.55
N LYS A 12 1.51 5.42 3.19
CA LYS A 12 1.18 6.68 3.81
C LYS A 12 0.56 6.43 5.16
N ARG A 13 0.35 7.49 5.88
CA ARG A 13 -0.29 7.45 7.17
C ARG A 13 -1.76 7.06 6.96
N GLY A 14 -2.13 5.93 7.49
CA GLY A 14 -3.49 5.48 7.35
C GLY A 14 -3.61 4.36 6.35
N GLU A 15 -2.53 4.06 5.65
CA GLU A 15 -2.56 2.99 4.70
C GLU A 15 -2.16 1.69 5.35
N ARG A 16 -2.92 0.70 5.07
CA ARG A 16 -2.73 -0.62 5.61
C ARG A 16 -2.16 -1.49 4.51
N VAL A 17 -1.19 -2.30 4.84
CA VAL A 17 -0.52 -3.12 3.86
C VAL A 17 -1.41 -4.32 3.49
N ARG A 18 -1.66 -4.48 2.22
CA ARG A 18 -2.45 -5.57 1.70
C ARG A 18 -1.50 -6.72 1.39
N DAL A 19 -0.31 -6.36 0.97
CA DAL A 19 0.73 -7.32 0.65
CB DAL A 19 1.31 -7.91 1.93
C DAL A 19 1.80 -6.63 -0.14
O DAL A 19 2.00 -5.43 0.01
H DAL A 19 -0.10 -5.40 0.86
HA DAL A 19 0.29 -8.11 0.07
HB1 DAL A 19 2.07 -8.64 1.67
HB2 DAL A 19 0.54 -8.38 2.51
HB3 DAL A 19 1.78 -7.12 2.52
N THR A 20 2.46 -7.35 -0.98
CA THR A 20 3.51 -6.80 -1.77
C THR A 20 3.02 -6.39 -3.16
N CYS A 21 3.67 -5.43 -3.75
CA CYS A 21 3.36 -4.99 -5.10
C CYS A 21 4.58 -5.22 -5.99
N GLY A 22 5.67 -5.54 -5.35
CA GLY A 22 6.90 -5.76 -6.02
C GLY A 22 7.94 -6.14 -5.03
N ILE A 23 9.18 -5.98 -5.40
CA ILE A 23 10.26 -6.31 -4.50
C ILE A 23 10.38 -5.24 -3.45
N ARG A 24 10.51 -4.01 -3.89
CA ARG A 24 10.64 -2.87 -2.99
C ARG A 24 9.31 -2.17 -2.78
N PHE A 25 8.28 -2.74 -3.34
CA PHE A 25 6.98 -2.13 -3.28
C PHE A 25 5.98 -2.98 -2.55
N LEU A 26 5.22 -2.33 -1.78
CA LEU A 26 4.16 -2.91 -1.00
C LEU A 26 2.85 -2.41 -1.58
N TYR A 27 1.82 -3.16 -1.40
CA TYR A 27 0.53 -2.77 -1.85
C TYR A 27 -0.21 -2.33 -0.63
N CYS A 28 -0.48 -1.06 -0.54
CA CYS A 28 -1.07 -0.50 0.65
C CYS A 28 -2.40 0.15 0.31
N CYS A 29 -3.39 -0.09 1.11
CA CYS A 29 -4.66 0.53 0.90
C CYS A 29 -4.98 1.47 2.05
N PRO A 30 -5.31 2.72 1.74
CA PRO A 30 -5.66 3.75 2.73
C PRO A 30 -6.93 3.40 3.50
N ARG A 31 -7.15 4.08 4.60
CA ARG A 31 -8.34 3.87 5.39
C ARG A 31 -9.56 4.47 4.70
N ARG A 32 -9.29 5.35 3.77
CA ARG A 32 -10.30 5.95 2.96
C ARG A 32 -10.65 5.02 1.82
N GLY A 1 -14.47 -1.25 -5.43
CA GLY A 1 -13.52 -1.84 -4.51
C GLY A 1 -12.63 -0.78 -3.96
N LEU A 2 -11.90 -1.09 -2.93
CA LEU A 2 -10.99 -0.14 -2.37
C LEU A 2 -9.73 -0.11 -3.20
N LEU A 3 -9.44 1.03 -3.75
CA LEU A 3 -8.25 1.21 -4.55
C LEU A 3 -7.04 1.33 -3.65
N CYS A 4 -6.05 0.53 -3.91
CA CYS A 4 -4.86 0.53 -3.11
C CYS A 4 -3.70 1.01 -3.96
N TYR A 5 -2.61 1.36 -3.34
CA TYR A 5 -1.52 1.93 -4.05
C TYR A 5 -0.32 1.02 -4.06
N CYS A 6 0.44 1.15 -5.10
CA CYS A 6 1.69 0.49 -5.23
C CYS A 6 2.72 1.53 -4.87
N ARG A 7 3.27 1.43 -3.71
CA ARG A 7 4.18 2.42 -3.24
C ARG A 7 5.41 1.81 -2.62
N LYS A 8 6.53 2.46 -2.83
CA LYS A 8 7.81 1.96 -2.36
C LYS A 8 8.09 2.33 -0.91
N GLY A 9 8.87 1.49 -0.28
CA GLY A 9 9.34 1.75 1.05
C GLY A 9 8.37 1.35 2.13
N HIS A 10 7.27 2.03 2.16
CA HIS A 10 6.29 1.89 3.21
C HIS A 10 4.99 2.48 2.75
N CYS A 11 4.00 2.42 3.57
CA CYS A 11 2.74 2.94 3.24
C CYS A 11 2.55 4.29 3.91
N LYS A 12 1.53 4.99 3.49
CA LYS A 12 1.18 6.27 4.08
C LYS A 12 0.43 6.07 5.38
N ARG A 13 0.19 7.14 6.08
CA ARG A 13 -0.57 7.11 7.31
C ARG A 13 -2.01 6.80 6.97
N GLY A 14 -2.47 5.64 7.35
CA GLY A 14 -3.80 5.25 7.03
C GLY A 14 -3.82 4.13 6.05
N GLU A 15 -2.70 3.91 5.41
CA GLU A 15 -2.57 2.85 4.49
C GLU A 15 -1.99 1.64 5.18
N ARG A 16 -2.60 0.52 4.94
CA ARG A 16 -2.14 -0.72 5.54
C ARG A 16 -1.66 -1.63 4.44
N VAL A 17 -0.64 -2.41 4.74
CA VAL A 17 -0.06 -3.32 3.78
C VAL A 17 -1.06 -4.42 3.47
N ARG A 18 -1.42 -4.54 2.23
CA ARG A 18 -2.34 -5.56 1.77
C ARG A 18 -1.53 -6.71 1.22
N DAL A 19 -0.35 -6.37 0.75
CA DAL A 19 0.60 -7.31 0.22
CB DAL A 19 1.17 -8.21 1.32
C DAL A 19 1.72 -6.52 -0.42
O DAL A 19 1.89 -5.34 -0.11
H DAL A 19 -0.10 -5.42 0.74
HA DAL A 19 0.11 -7.92 -0.53
HB1 DAL A 19 0.38 -8.77 1.77
HB2 DAL A 19 1.67 -7.60 2.06
HB3 DAL A 19 1.89 -8.89 0.88
N THR A 20 2.45 -7.11 -1.30
CA THR A 20 3.51 -6.46 -1.96
C THR A 20 3.15 -6.17 -3.41
N CYS A 21 3.76 -5.17 -3.95
CA CYS A 21 3.59 -4.83 -5.35
C CYS A 21 4.92 -5.11 -6.05
N GLY A 22 5.89 -5.42 -5.23
CA GLY A 22 7.21 -5.72 -5.64
C GLY A 22 7.98 -6.07 -4.42
N ILE A 23 9.27 -5.98 -4.45
CA ILE A 23 10.06 -6.27 -3.26
C ILE A 23 10.20 -4.99 -2.47
N ARG A 24 10.46 -3.93 -3.19
CA ARG A 24 10.63 -2.61 -2.61
C ARG A 24 9.32 -1.88 -2.57
N PHE A 25 8.35 -2.40 -3.27
CA PHE A 25 7.05 -1.79 -3.34
C PHE A 25 6.03 -2.64 -2.65
N LEU A 26 5.25 -2.00 -1.90
CA LEU A 26 4.23 -2.61 -1.11
C LEU A 26 2.90 -2.20 -1.68
N TYR A 27 1.92 -3.00 -1.48
CA TYR A 27 0.61 -2.71 -1.91
C TYR A 27 -0.15 -2.32 -0.68
N CYS A 28 -0.44 -1.06 -0.57
CA CYS A 28 -1.04 -0.53 0.63
C CYS A 28 -2.37 0.11 0.31
N CYS A 29 -3.36 -0.13 1.14
CA CYS A 29 -4.67 0.44 0.90
C CYS A 29 -4.99 1.51 1.93
N PRO A 30 -5.54 2.65 1.49
CA PRO A 30 -5.88 3.76 2.37
C PRO A 30 -7.20 3.51 3.12
N ARG A 31 -7.32 4.08 4.28
CA ARG A 31 -8.55 3.99 5.07
C ARG A 31 -9.51 5.10 4.69
N ARG A 32 -8.98 6.04 3.90
CA ARG A 32 -9.69 7.21 3.41
C ARG A 32 -9.99 8.16 4.58
N GLY A 1 -12.24 -3.38 -5.85
CA GLY A 1 -12.82 -2.05 -6.01
C GLY A 1 -12.16 -1.00 -5.15
N LEU A 2 -11.41 -1.43 -4.15
CA LEU A 2 -10.71 -0.53 -3.29
C LEU A 2 -9.43 -0.08 -3.95
N LEU A 3 -9.31 1.20 -4.16
CA LEU A 3 -8.14 1.75 -4.80
C LEU A 3 -7.00 1.76 -3.79
N CYS A 4 -6.01 0.97 -4.04
CA CYS A 4 -4.87 0.87 -3.18
C CYS A 4 -3.66 1.36 -3.95
N TYR A 5 -2.58 1.62 -3.29
CA TYR A 5 -1.42 2.16 -3.93
C TYR A 5 -0.23 1.24 -3.76
N CYS A 6 0.58 1.17 -4.78
CA CYS A 6 1.82 0.47 -4.73
C CYS A 6 2.85 1.42 -4.18
N ARG A 7 3.20 1.20 -2.95
CA ARG A 7 4.06 2.06 -2.20
C ARG A 7 5.46 1.55 -2.13
N LYS A 8 6.37 2.38 -2.48
CA LYS A 8 7.74 2.04 -2.39
C LYS A 8 8.21 2.29 -0.97
N GLY A 9 8.81 1.29 -0.39
CA GLY A 9 9.34 1.45 0.94
C GLY A 9 8.32 1.25 2.04
N HIS A 10 7.33 2.10 2.07
CA HIS A 10 6.34 2.08 3.11
C HIS A 10 5.11 2.74 2.59
N CYS A 11 4.05 2.63 3.32
CA CYS A 11 2.82 3.19 2.89
C CYS A 11 2.64 4.55 3.53
N LYS A 12 1.58 5.22 3.20
CA LYS A 12 1.27 6.48 3.80
C LYS A 12 0.62 6.23 5.14
N ARG A 13 0.45 7.27 5.88
CA ARG A 13 -0.21 7.18 7.13
C ARG A 13 -1.69 7.09 6.85
N GLY A 14 -2.26 6.00 7.25
CA GLY A 14 -3.63 5.76 6.98
C GLY A 14 -3.77 4.58 6.05
N GLU A 15 -2.68 4.17 5.47
CA GLU A 15 -2.71 3.04 4.61
C GLU A 15 -2.31 1.82 5.38
N ARG A 16 -2.98 0.76 5.09
CA ARG A 16 -2.71 -0.51 5.70
C ARG A 16 -2.14 -1.41 4.63
N VAL A 17 -1.13 -2.14 5.00
CA VAL A 17 -0.48 -3.06 4.08
C VAL A 17 -1.46 -4.18 3.73
N ARG A 18 -1.64 -4.42 2.46
CA ARG A 18 -2.49 -5.48 1.99
C ARG A 18 -1.60 -6.63 1.58
N DAL A 19 -0.41 -6.29 1.15
CA DAL A 19 0.60 -7.23 0.73
CB DAL A 19 1.16 -7.99 1.93
C DAL A 19 1.69 -6.47 0.03
O DAL A 19 1.99 -5.33 0.40
H DAL A 19 -0.18 -5.33 1.08
HA DAL A 19 0.13 -7.93 0.05
HB1 DAL A 19 1.66 -7.29 2.59
HB2 DAL A 19 1.86 -8.74 1.58
HB3 DAL A 19 0.36 -8.47 2.45
N THR A 20 2.24 -7.04 -1.00
CA THR A 20 3.28 -6.39 -1.73
C THR A 20 2.91 -6.19 -3.20
N CYS A 21 3.51 -5.22 -3.83
CA CYS A 21 3.25 -4.92 -5.23
C CYS A 21 4.57 -5.10 -5.99
N GLY A 22 5.51 -5.69 -5.32
CA GLY A 22 6.82 -5.92 -5.84
C GLY A 22 7.73 -6.19 -4.70
N ILE A 23 9.00 -5.97 -4.88
CA ILE A 23 9.96 -6.16 -3.81
C ILE A 23 10.15 -4.83 -3.08
N ARG A 24 10.36 -3.79 -3.86
CA ARG A 24 10.51 -2.46 -3.34
C ARG A 24 9.16 -1.82 -3.07
N PHE A 25 8.14 -2.41 -3.61
CA PHE A 25 6.81 -1.87 -3.48
C PHE A 25 5.88 -2.77 -2.71
N LEU A 26 5.18 -2.16 -1.84
CA LEU A 26 4.19 -2.77 -1.01
C LEU A 26 2.83 -2.38 -1.54
N TYR A 27 1.84 -3.17 -1.29
CA TYR A 27 0.51 -2.83 -1.72
C TYR A 27 -0.23 -2.35 -0.52
N CYS A 28 -0.52 -1.09 -0.47
CA CYS A 28 -1.12 -0.51 0.70
C CYS A 28 -2.45 0.13 0.36
N CYS A 29 -3.45 -0.12 1.16
CA CYS A 29 -4.75 0.44 0.92
C CYS A 29 -5.11 1.44 2.01
N PRO A 30 -5.60 2.63 1.65
CA PRO A 30 -5.97 3.69 2.59
C PRO A 30 -7.26 3.38 3.35
N ARG A 31 -7.22 3.58 4.66
CA ARG A 31 -8.38 3.35 5.51
C ARG A 31 -9.28 4.57 5.55
N ARG A 32 -8.74 5.67 5.08
CA ARG A 32 -9.43 6.93 5.00
C ARG A 32 -9.28 7.45 3.59
N GLY A 1 -14.07 -2.75 -4.69
CA GLY A 1 -12.62 -2.67 -4.57
C GLY A 1 -12.21 -1.33 -4.05
N LEU A 2 -11.15 -1.31 -3.28
CA LEU A 2 -10.63 -0.08 -2.73
C LEU A 2 -9.63 0.50 -3.70
N LEU A 3 -9.35 1.77 -3.58
CA LEU A 3 -8.34 2.37 -4.41
C LEU A 3 -7.04 2.27 -3.64
N CYS A 4 -6.12 1.49 -4.14
CA CYS A 4 -4.90 1.27 -3.44
C CYS A 4 -3.72 1.83 -4.23
N TYR A 5 -2.59 1.94 -3.60
CA TYR A 5 -1.41 2.51 -4.18
C TYR A 5 -0.24 1.54 -4.06
N CYS A 6 0.62 1.56 -5.04
CA CYS A 6 1.83 0.78 -5.02
C CYS A 6 2.89 1.63 -4.38
N ARG A 7 3.27 1.27 -3.19
CA ARG A 7 4.15 2.07 -2.37
C ARG A 7 5.55 1.59 -2.40
N LYS A 8 6.42 2.49 -2.70
CA LYS A 8 7.83 2.25 -2.72
C LYS A 8 8.37 2.41 -1.31
N GLY A 9 8.89 1.35 -0.76
CA GLY A 9 9.46 1.42 0.56
C GLY A 9 8.46 1.10 1.63
N HIS A 10 7.45 1.93 1.74
CA HIS A 10 6.46 1.82 2.80
C HIS A 10 5.23 2.58 2.40
N CYS A 11 4.17 2.44 3.15
CA CYS A 11 2.94 3.10 2.83
C CYS A 11 2.88 4.46 3.51
N LYS A 12 1.80 5.18 3.30
CA LYS A 12 1.58 6.44 3.98
C LYS A 12 0.94 6.15 5.34
N ARG A 13 0.81 7.16 6.13
CA ARG A 13 0.11 7.08 7.36
C ARG A 13 -1.36 7.11 7.03
N GLY A 14 -2.05 6.07 7.36
CA GLY A 14 -3.45 5.95 7.04
C GLY A 14 -3.67 4.87 6.03
N GLU A 15 -2.59 4.29 5.55
CA GLU A 15 -2.66 3.19 4.62
C GLU A 15 -2.31 1.90 5.31
N ARG A 16 -3.03 0.89 4.97
CA ARG A 16 -2.81 -0.43 5.48
C ARG A 16 -2.27 -1.28 4.35
N VAL A 17 -1.30 -2.10 4.67
CA VAL A 17 -0.66 -2.97 3.69
C VAL A 17 -1.65 -4.04 3.21
N ARG A 18 -1.82 -4.12 1.91
CA ARG A 18 -2.72 -5.08 1.30
C ARG A 18 -1.91 -6.31 0.99
N DAL A 19 -0.66 -6.08 0.72
CA DAL A 19 0.31 -7.09 0.40
CB DAL A 19 0.75 -7.84 1.67
C DAL A 19 1.49 -6.41 -0.24
O DAL A 19 1.74 -5.24 0.04
H DAL A 19 -0.36 -5.14 0.74
HA DAL A 19 -0.14 -7.78 -0.29
HB1 DAL A 19 1.46 -8.61 1.39
HB2 DAL A 19 -0.11 -8.29 2.13
HB3 DAL A 19 1.21 -7.15 2.35
N THR A 20 2.17 -7.09 -1.08
CA THR A 20 3.31 -6.54 -1.73
C THR A 20 2.98 -6.14 -3.16
N CYS A 21 3.74 -5.21 -3.69
CA CYS A 21 3.60 -4.77 -5.07
C CYS A 21 4.90 -5.10 -5.80
N GLY A 22 5.82 -5.65 -5.06
CA GLY A 22 7.10 -6.00 -5.55
C GLY A 22 7.97 -6.36 -4.39
N ILE A 23 9.25 -6.32 -4.59
CA ILE A 23 10.17 -6.64 -3.51
C ILE A 23 10.38 -5.41 -2.63
N ARG A 24 10.63 -4.28 -3.25
CA ARG A 24 10.81 -3.05 -2.49
C ARG A 24 9.52 -2.27 -2.41
N PHE A 25 8.46 -2.86 -2.93
CA PHE A 25 7.20 -2.19 -3.01
C PHE A 25 6.12 -2.95 -2.31
N LEU A 26 5.33 -2.24 -1.62
CA LEU A 26 4.22 -2.77 -0.90
C LEU A 26 2.96 -2.26 -1.57
N TYR A 27 1.91 -2.96 -1.45
CA TYR A 27 0.67 -2.54 -2.00
C TYR A 27 -0.15 -2.10 -0.84
N CYS A 28 -0.46 -0.85 -0.77
CA CYS A 28 -1.11 -0.30 0.39
C CYS A 28 -2.43 0.33 0.01
N CYS A 29 -3.40 0.19 0.86
CA CYS A 29 -4.70 0.78 0.62
C CYS A 29 -5.06 1.65 1.81
N PRO A 30 -5.59 2.85 1.58
CA PRO A 30 -6.03 3.75 2.65
C PRO A 30 -7.17 3.14 3.49
N ARG A 31 -7.28 3.57 4.73
CA ARG A 31 -8.30 3.06 5.63
C ARG A 31 -9.63 3.81 5.46
N ARG A 32 -9.62 4.74 4.50
CA ARG A 32 -10.78 5.55 4.12
C ARG A 32 -12.01 4.67 3.88
N GLY A 1 -15.38 1.59 -4.62
CA GLY A 1 -14.22 1.23 -5.42
C GLY A 1 -12.96 1.53 -4.65
N LEU A 2 -12.48 0.56 -3.92
CA LEU A 2 -11.31 0.75 -3.11
C LEU A 2 -10.08 0.66 -4.00
N LEU A 3 -9.35 1.73 -4.08
CA LEU A 3 -8.15 1.78 -4.86
C LEU A 3 -6.96 1.58 -3.96
N CYS A 4 -6.09 0.70 -4.35
CA CYS A 4 -4.90 0.45 -3.59
C CYS A 4 -3.70 0.90 -4.41
N TYR A 5 -2.63 1.21 -3.76
CA TYR A 5 -1.47 1.77 -4.40
C TYR A 5 -0.31 0.83 -4.31
N CYS A 6 0.63 1.00 -5.19
CA CYS A 6 1.84 0.24 -5.18
C CYS A 6 2.97 1.21 -4.92
N ARG A 7 3.47 1.23 -3.72
CA ARG A 7 4.49 2.16 -3.36
C ARG A 7 5.66 1.54 -2.67
N LYS A 8 6.83 2.04 -3.02
CA LYS A 8 8.06 1.57 -2.47
C LYS A 8 8.36 2.25 -1.16
N GLY A 9 9.12 1.58 -0.34
CA GLY A 9 9.52 2.13 0.91
C GLY A 9 8.52 1.87 1.99
N HIS A 10 7.35 2.43 1.80
CA HIS A 10 6.28 2.37 2.76
C HIS A 10 5.04 2.96 2.16
N CYS A 11 3.98 2.94 2.90
CA CYS A 11 2.73 3.44 2.46
C CYS A 11 2.53 4.82 3.06
N LYS A 12 1.46 5.49 2.69
CA LYS A 12 1.12 6.75 3.33
C LYS A 12 0.60 6.46 4.75
N ARG A 13 0.49 7.49 5.54
CA ARG A 13 -0.04 7.34 6.87
C ARG A 13 -1.53 7.27 6.75
N GLY A 14 -2.08 6.16 7.16
CA GLY A 14 -3.50 5.95 7.02
C GLY A 14 -3.77 4.79 6.11
N GLU A 15 -2.72 4.24 5.55
CA GLU A 15 -2.85 3.10 4.72
C GLU A 15 -2.53 1.85 5.48
N ARG A 16 -3.00 0.78 4.97
CA ARG A 16 -2.73 -0.52 5.47
C ARG A 16 -1.87 -1.21 4.47
N VAL A 17 -0.97 -2.02 4.92
CA VAL A 17 -0.20 -2.83 4.03
C VAL A 17 -1.10 -3.98 3.70
N ARG A 18 -1.51 -4.07 2.47
CA ARG A 18 -2.44 -5.08 2.07
C ARG A 18 -1.68 -6.30 1.64
N DAL A 19 -0.49 -6.05 1.19
CA DAL A 19 0.45 -7.07 0.81
CB DAL A 19 0.88 -7.90 2.02
C DAL A 19 1.66 -6.39 0.20
O DAL A 19 1.85 -5.19 0.39
H DAL A 19 -0.24 -5.12 1.06
HA DAL A 19 0.00 -7.72 0.08
HB1 DAL A 19 1.34 -7.25 2.76
HB2 DAL A 19 1.57 -8.65 1.72
HB3 DAL A 19 0.00 -8.36 2.45
N THR A 20 2.45 -7.11 -0.50
CA THR A 20 3.60 -6.59 -1.16
C THR A 20 3.31 -6.44 -2.65
N CYS A 21 3.98 -5.52 -3.28
CA CYS A 21 3.76 -5.28 -4.69
C CYS A 21 5.07 -5.53 -5.45
N GLY A 22 6.06 -6.00 -4.72
CA GLY A 22 7.32 -6.28 -5.28
C GLY A 22 8.33 -6.48 -4.19
N ILE A 23 9.57 -6.34 -4.51
CA ILE A 23 10.63 -6.49 -3.55
C ILE A 23 10.71 -5.24 -2.68
N ARG A 24 10.79 -4.11 -3.32
CA ARG A 24 10.89 -2.85 -2.62
C ARG A 24 9.53 -2.18 -2.49
N PHE A 25 8.54 -2.75 -3.12
CA PHE A 25 7.23 -2.15 -3.19
C PHE A 25 6.21 -2.89 -2.38
N LEU A 26 5.36 -2.16 -1.75
CA LEU A 26 4.31 -2.68 -0.93
C LEU A 26 2.99 -2.33 -1.58
N TYR A 27 1.99 -3.11 -1.32
CA TYR A 27 0.68 -2.87 -1.83
C TYR A 27 -0.08 -2.26 -0.70
N CYS A 28 -0.34 -1.01 -0.79
CA CYS A 28 -0.92 -0.31 0.31
C CYS A 28 -2.28 0.16 -0.08
N CYS A 29 -3.17 0.15 0.84
CA CYS A 29 -4.50 0.55 0.56
C CYS A 29 -5.02 1.33 1.77
N PRO A 30 -5.86 2.33 1.56
CA PRO A 30 -6.37 3.19 2.64
C PRO A 30 -7.20 2.42 3.67
N ARG A 31 -7.21 2.89 4.91
CA ARG A 31 -7.92 2.21 5.99
C ARG A 31 -9.39 2.56 6.03
N ARG A 32 -9.74 3.63 5.39
CA ARG A 32 -11.10 4.08 5.38
C ARG A 32 -11.85 3.52 4.21
N GLY A 1 -14.22 -2.46 -4.60
CA GLY A 1 -12.80 -2.68 -4.65
C GLY A 1 -12.07 -1.59 -3.93
N LEU A 2 -10.92 -1.90 -3.42
CA LEU A 2 -10.17 -0.94 -2.68
C LEU A 2 -9.21 -0.22 -3.58
N LEU A 3 -9.17 1.06 -3.44
CA LEU A 3 -8.23 1.88 -4.15
C LEU A 3 -6.95 1.82 -3.38
N CYS A 4 -5.95 1.23 -3.95
CA CYS A 4 -4.72 1.05 -3.27
C CYS A 4 -3.60 1.60 -4.11
N TYR A 5 -2.51 1.93 -3.47
CA TYR A 5 -1.38 2.48 -4.14
C TYR A 5 -0.22 1.54 -4.07
N CYS A 6 0.62 1.65 -5.04
CA CYS A 6 1.84 0.91 -5.05
C CYS A 6 2.87 1.79 -4.37
N ARG A 7 3.30 1.37 -3.21
CA ARG A 7 4.18 2.17 -2.40
C ARG A 7 5.55 1.58 -2.32
N LYS A 8 6.51 2.37 -2.64
CA LYS A 8 7.88 1.98 -2.48
C LYS A 8 8.34 2.28 -1.07
N GLY A 9 8.98 1.33 -0.45
CA GLY A 9 9.52 1.52 0.86
C GLY A 9 8.51 1.28 1.96
N HIS A 10 7.46 2.07 1.96
CA HIS A 10 6.46 2.05 2.99
C HIS A 10 5.25 2.76 2.49
N CYS A 11 4.16 2.58 3.16
CA CYS A 11 2.94 3.21 2.77
C CYS A 11 2.86 4.54 3.46
N LYS A 12 1.79 5.25 3.26
CA LYS A 12 1.58 6.47 3.99
C LYS A 12 0.98 6.09 5.32
N ARG A 13 0.96 7.00 6.22
CA ARG A 13 0.36 6.75 7.49
C ARG A 13 -1.14 6.92 7.30
N GLY A 14 -1.86 5.85 7.46
CA GLY A 14 -3.26 5.86 7.16
C GLY A 14 -3.57 4.86 6.06
N GLU A 15 -2.54 4.21 5.57
CA GLU A 15 -2.70 3.17 4.61
C GLU A 15 -2.40 1.84 5.26
N ARG A 16 -3.17 0.86 4.91
CA ARG A 16 -2.99 -0.46 5.46
C ARG A 16 -2.39 -1.33 4.37
N VAL A 17 -1.45 -2.17 4.73
CA VAL A 17 -0.80 -3.03 3.78
C VAL A 17 -1.76 -4.15 3.34
N ARG A 18 -1.93 -4.30 2.06
CA ARG A 18 -2.79 -5.32 1.50
C ARG A 18 -1.94 -6.48 1.02
N DAL A 19 -0.74 -6.16 0.63
CA DAL A 19 0.24 -7.12 0.17
CB DAL A 19 0.74 -7.99 1.32
C DAL A 19 1.39 -6.37 -0.41
O DAL A 19 1.71 -5.27 0.06
H DAL A 19 -0.48 -5.21 0.62
HA DAL A 19 -0.20 -7.75 -0.58
HB1 DAL A 19 1.49 -8.67 0.96
HB2 DAL A 19 -0.09 -8.55 1.73
HB3 DAL A 19 1.16 -7.36 2.10
N THR A 20 1.99 -6.89 -1.41
CA THR A 20 3.13 -6.30 -2.00
C THR A 20 2.88 -5.92 -3.45
N CYS A 21 3.60 -4.95 -3.91
CA CYS A 21 3.52 -4.50 -5.28
C CYS A 21 4.87 -4.75 -5.95
N GLY A 22 5.67 -5.54 -5.27
CA GLY A 22 6.96 -5.89 -5.72
C GLY A 22 7.81 -6.27 -4.56
N ILE A 23 9.10 -6.22 -4.73
CA ILE A 23 10.01 -6.55 -3.67
C ILE A 23 10.14 -5.37 -2.71
N ARG A 24 10.52 -4.22 -3.25
CA ARG A 24 10.67 -3.01 -2.43
C ARG A 24 9.36 -2.23 -2.38
N PHE A 25 8.33 -2.79 -2.95
CA PHE A 25 7.07 -2.11 -3.04
C PHE A 25 5.98 -2.87 -2.36
N LEU A 26 5.20 -2.16 -1.64
CA LEU A 26 4.09 -2.68 -0.91
C LEU A 26 2.83 -2.20 -1.57
N TYR A 27 1.78 -2.93 -1.39
CA TYR A 27 0.51 -2.57 -1.91
C TYR A 27 -0.30 -2.13 -0.75
N CYS A 28 -0.55 -0.85 -0.65
CA CYS A 28 -1.16 -0.29 0.51
C CYS A 28 -2.44 0.42 0.13
N CYS A 29 -3.47 0.23 0.92
CA CYS A 29 -4.73 0.86 0.63
C CYS A 29 -5.09 1.79 1.78
N PRO A 30 -5.54 3.01 1.50
CA PRO A 30 -5.97 3.95 2.53
C PRO A 30 -7.15 3.39 3.33
N ARG A 31 -7.19 3.72 4.60
CA ARG A 31 -8.26 3.26 5.47
C ARG A 31 -9.56 4.02 5.23
N ARG A 32 -9.47 5.02 4.41
CA ARG A 32 -10.57 5.84 4.05
C ARG A 32 -11.12 5.39 2.71
N GLY A 1 -14.04 -0.03 -7.31
CA GLY A 1 -13.34 -1.07 -6.56
C GLY A 1 -12.68 -0.48 -5.35
N LEU A 2 -11.74 -1.20 -4.81
CA LEU A 2 -10.97 -0.70 -3.70
C LEU A 2 -9.70 -0.06 -4.25
N LEU A 3 -9.44 1.16 -3.87
CA LEU A 3 -8.27 1.87 -4.36
C LEU A 3 -7.11 1.67 -3.41
N CYS A 4 -6.09 1.02 -3.88
CA CYS A 4 -4.91 0.80 -3.11
C CYS A 4 -3.73 1.25 -3.94
N TYR A 5 -2.65 1.59 -3.31
CA TYR A 5 -1.50 2.10 -4.01
C TYR A 5 -0.31 1.19 -3.85
N CYS A 6 0.51 1.21 -4.86
CA CYS A 6 1.75 0.49 -4.89
C CYS A 6 2.80 1.41 -4.30
N ARG A 7 3.25 1.10 -3.12
CA ARG A 7 4.14 1.98 -2.38
C ARG A 7 5.53 1.44 -2.29
N LYS A 8 6.46 2.24 -2.70
CA LYS A 8 7.85 1.93 -2.56
C LYS A 8 8.36 2.37 -1.21
N GLY A 9 9.03 1.49 -0.52
CA GLY A 9 9.58 1.83 0.76
C GLY A 9 8.57 1.68 1.86
N HIS A 10 7.55 2.52 1.87
CA HIS A 10 6.55 2.52 2.89
C HIS A 10 5.29 3.11 2.37
N CYS A 11 4.21 2.82 3.01
CA CYS A 11 2.94 3.34 2.62
C CYS A 11 2.80 4.75 3.17
N LYS A 12 1.70 5.40 2.89
CA LYS A 12 1.46 6.69 3.47
C LYS A 12 0.92 6.47 4.86
N ARG A 13 0.88 7.50 5.65
CA ARG A 13 0.33 7.40 6.97
C ARG A 13 -1.17 7.30 6.82
N GLY A 14 -1.71 6.18 7.22
CA GLY A 14 -3.11 5.93 7.05
C GLY A 14 -3.33 4.74 6.18
N GLU A 15 -2.35 4.44 5.33
CA GLU A 15 -2.45 3.30 4.47
C GLU A 15 -2.00 2.07 5.20
N ARG A 16 -2.68 1.00 4.98
CA ARG A 16 -2.36 -0.24 5.62
C ARG A 16 -1.91 -1.23 4.56
N VAL A 17 -1.05 -2.14 4.95
CA VAL A 17 -0.47 -3.09 4.02
C VAL A 17 -1.48 -4.18 3.69
N ARG A 18 -1.78 -4.32 2.42
CA ARG A 18 -2.69 -5.32 1.95
C ARG A 18 -1.89 -6.54 1.50
N DAL A 19 -0.69 -6.26 1.04
CA DAL A 19 0.26 -7.26 0.57
CB DAL A 19 0.75 -8.14 1.73
C DAL A 19 1.43 -6.55 -0.06
O DAL A 19 1.71 -5.40 0.30
H DAL A 19 -0.42 -5.32 0.99
HA DAL A 19 -0.23 -7.88 -0.16
HB1 DAL A 19 1.24 -7.52 2.47
HB2 DAL A 19 1.45 -8.87 1.35
HB3 DAL A 19 -0.09 -8.64 2.17
N THR A 20 2.09 -7.16 -0.98
CA THR A 20 3.22 -6.58 -1.61
C THR A 20 2.93 -6.29 -3.08
N CYS A 21 3.58 -5.28 -3.59
CA CYS A 21 3.43 -4.91 -4.98
C CYS A 21 4.71 -5.27 -5.73
N GLY A 22 5.69 -5.70 -4.97
CA GLY A 22 6.95 -6.05 -5.50
C GLY A 22 7.89 -6.36 -4.38
N ILE A 23 9.15 -6.16 -4.60
CA ILE A 23 10.15 -6.39 -3.59
C ILE A 23 10.29 -5.14 -2.72
N ARG A 24 10.47 -4.02 -3.38
CA ARG A 24 10.60 -2.75 -2.69
C ARG A 24 9.27 -2.05 -2.57
N PHE A 25 8.24 -2.71 -3.01
CA PHE A 25 6.94 -2.12 -3.07
C PHE A 25 5.94 -2.94 -2.31
N LEU A 26 5.17 -2.26 -1.55
CA LEU A 26 4.11 -2.82 -0.77
C LEU A 26 2.81 -2.38 -1.38
N TYR A 27 1.80 -3.13 -1.18
CA TYR A 27 0.50 -2.79 -1.69
C TYR A 27 -0.28 -2.29 -0.51
N CYS A 28 -0.54 -1.02 -0.49
CA CYS A 28 -1.13 -0.41 0.67
C CYS A 28 -2.45 0.26 0.31
N CYS A 29 -3.45 0.06 1.11
CA CYS A 29 -4.72 0.69 0.88
C CYS A 29 -5.00 1.64 2.04
N PRO A 30 -5.52 2.86 1.76
CA PRO A 30 -5.87 3.84 2.82
C PRO A 30 -6.86 3.24 3.84
N ARG A 31 -6.92 3.81 5.04
CA ARG A 31 -7.79 3.30 6.10
C ARG A 31 -9.26 3.67 5.91
N ARG A 32 -9.57 4.25 4.77
CA ARG A 32 -10.92 4.62 4.43
C ARG A 32 -11.71 3.35 4.16
N GLY A 1 -13.65 -1.42 -6.93
CA GLY A 1 -12.65 -2.06 -6.06
C GLY A 1 -12.09 -1.08 -5.08
N LEU A 2 -11.39 -1.57 -4.09
CA LEU A 2 -10.81 -0.73 -3.08
C LEU A 2 -9.60 -0.02 -3.65
N LEU A 3 -9.49 1.24 -3.36
CA LEU A 3 -8.39 2.04 -3.83
C LEU A 3 -7.14 1.72 -3.05
N CYS A 4 -6.15 1.25 -3.75
CA CYS A 4 -4.89 0.90 -3.15
C CYS A 4 -3.77 1.43 -4.01
N TYR A 5 -2.63 1.64 -3.41
CA TYR A 5 -1.50 2.16 -4.10
C TYR A 5 -0.39 1.15 -4.10
N CYS A 6 0.33 1.14 -5.16
CA CYS A 6 1.53 0.40 -5.24
C CYS A 6 2.62 1.39 -4.94
N ARG A 7 3.15 1.35 -3.76
CA ARG A 7 4.10 2.34 -3.38
C ARG A 7 5.35 1.75 -2.79
N LYS A 8 6.44 2.39 -3.09
CA LYS A 8 7.75 1.96 -2.67
C LYS A 8 8.07 2.43 -1.29
N GLY A 9 8.84 1.64 -0.60
CA GLY A 9 9.29 1.98 0.70
C GLY A 9 8.42 1.40 1.75
N HIS A 10 7.27 1.99 1.89
CA HIS A 10 6.30 1.62 2.89
C HIS A 10 5.02 2.35 2.60
N CYS A 11 3.97 2.00 3.31
CA CYS A 11 2.69 2.64 3.10
C CYS A 11 2.69 4.00 3.78
N LYS A 12 1.82 4.86 3.34
CA LYS A 12 1.67 6.17 3.93
C LYS A 12 0.94 6.06 5.26
N ARG A 13 0.88 7.16 5.96
CA ARG A 13 0.14 7.22 7.19
C ARG A 13 -1.33 7.21 6.85
N GLY A 14 -2.01 6.21 7.30
CA GLY A 14 -3.39 6.05 6.98
C GLY A 14 -3.59 4.89 6.04
N GLU A 15 -2.51 4.38 5.53
CA GLU A 15 -2.57 3.25 4.66
C GLU A 15 -2.17 2.01 5.38
N ARG A 16 -2.83 0.95 5.08
CA ARG A 16 -2.53 -0.30 5.67
C ARG A 16 -2.12 -1.24 4.55
N VAL A 17 -1.07 -1.97 4.76
CA VAL A 17 -0.54 -2.90 3.79
C VAL A 17 -1.57 -4.03 3.50
N ARG A 18 -1.73 -4.35 2.24
CA ARG A 18 -2.62 -5.39 1.81
C ARG A 18 -1.80 -6.57 1.32
N DAL A 19 -0.60 -6.25 0.87
CA DAL A 19 0.38 -7.22 0.40
CB DAL A 19 0.88 -8.09 1.55
C DAL A 19 1.53 -6.45 -0.19
O DAL A 19 1.68 -5.25 0.05
H DAL A 19 -0.35 -5.30 0.82
HA DAL A 19 -0.07 -7.83 -0.35
HB1 DAL A 19 1.62 -8.79 1.18
HB2 DAL A 19 0.05 -8.63 1.98
HB3 DAL A 19 1.33 -7.46 2.31
N THR A 20 2.35 -7.10 -0.96
CA THR A 20 3.47 -6.47 -1.58
C THR A 20 3.27 -6.38 -3.07
N CYS A 21 3.68 -5.29 -3.63
CA CYS A 21 3.53 -5.02 -5.06
C CYS A 21 4.88 -5.31 -5.73
N GLY A 22 5.77 -5.85 -4.94
CA GLY A 22 7.09 -6.18 -5.33
C GLY A 22 7.89 -6.40 -4.08
N ILE A 23 9.15 -6.09 -4.11
CA ILE A 23 9.96 -6.17 -2.93
C ILE A 23 10.00 -4.81 -2.25
N ARG A 24 10.40 -3.81 -3.00
CA ARG A 24 10.49 -2.45 -2.53
C ARG A 24 9.14 -1.80 -2.51
N PHE A 25 8.24 -2.35 -3.27
CA PHE A 25 6.92 -1.82 -3.36
C PHE A 25 5.94 -2.66 -2.61
N LEU A 26 5.15 -2.00 -1.89
CA LEU A 26 4.13 -2.60 -1.08
C LEU A 26 2.80 -2.19 -1.66
N TYR A 27 1.82 -2.98 -1.44
CA TYR A 27 0.52 -2.69 -1.90
C TYR A 27 -0.26 -2.26 -0.70
N CYS A 28 -0.51 -1.00 -0.61
CA CYS A 28 -1.12 -0.45 0.57
C CYS A 28 -2.39 0.27 0.20
N CYS A 29 -3.40 0.13 1.01
CA CYS A 29 -4.64 0.78 0.74
C CYS A 29 -4.96 1.70 1.90
N PRO A 30 -5.43 2.93 1.63
CA PRO A 30 -5.84 3.85 2.68
C PRO A 30 -7.02 3.27 3.46
N ARG A 31 -7.00 3.47 4.77
CA ARG A 31 -8.04 2.96 5.66
C ARG A 31 -9.37 3.63 5.39
N ARG A 32 -9.29 4.86 5.04
CA ARG A 32 -10.41 5.67 4.76
C ARG A 32 -10.04 6.63 3.66
N GLY A 1 -13.02 -1.83 -7.38
CA GLY A 1 -13.18 -1.93 -5.94
C GLY A 1 -12.45 -0.81 -5.23
N LEU A 2 -11.96 -1.10 -4.05
CA LEU A 2 -11.21 -0.15 -3.26
C LEU A 2 -9.82 -0.03 -3.88
N LEU A 3 -9.49 1.15 -4.29
CA LEU A 3 -8.22 1.41 -4.93
C LEU A 3 -7.12 1.54 -3.91
N CYS A 4 -6.10 0.77 -4.08
CA CYS A 4 -4.98 0.80 -3.17
C CYS A 4 -3.78 1.31 -3.94
N TYR A 5 -2.71 1.58 -3.27
CA TYR A 5 -1.57 2.13 -3.89
C TYR A 5 -0.42 1.18 -3.87
N CYS A 6 0.19 1.04 -4.99
CA CYS A 6 1.41 0.32 -5.11
C CYS A 6 2.49 1.34 -4.90
N ARG A 7 3.08 1.33 -3.75
CA ARG A 7 4.04 2.33 -3.43
C ARG A 7 5.30 1.75 -2.86
N LYS A 8 6.36 2.49 -3.03
CA LYS A 8 7.70 2.09 -2.64
C LYS A 8 7.98 2.38 -1.16
N GLY A 9 8.79 1.52 -0.58
CA GLY A 9 9.22 1.69 0.79
C GLY A 9 8.24 1.12 1.78
N HIS A 10 7.15 1.80 1.92
CA HIS A 10 6.10 1.47 2.86
C HIS A 10 4.87 2.27 2.54
N CYS A 11 3.81 2.04 3.27
CA CYS A 11 2.56 2.70 3.04
C CYS A 11 2.60 4.12 3.58
N LYS A 12 1.67 4.92 3.18
CA LYS A 12 1.52 6.26 3.75
C LYS A 12 0.88 6.14 5.12
N ARG A 13 0.85 7.22 5.84
CA ARG A 13 0.18 7.21 7.11
C ARG A 13 -1.30 7.34 6.85
N GLY A 14 -2.01 6.31 7.18
CA GLY A 14 -3.41 6.24 6.86
C GLY A 14 -3.65 5.08 5.95
N GLU A 15 -2.58 4.50 5.48
CA GLU A 15 -2.65 3.35 4.66
C GLU A 15 -2.23 2.14 5.45
N ARG A 16 -2.75 1.03 5.04
CA ARG A 16 -2.47 -0.23 5.63
C ARG A 16 -2.01 -1.18 4.54
N VAL A 17 -0.99 -1.93 4.84
CA VAL A 17 -0.45 -2.86 3.87
C VAL A 17 -1.42 -4.02 3.63
N ARG A 18 -1.68 -4.29 2.39
CA ARG A 18 -2.57 -5.35 1.98
C ARG A 18 -1.74 -6.53 1.50
N DAL A 19 -0.55 -6.22 1.02
CA DAL A 19 0.43 -7.19 0.56
CB DAL A 19 0.96 -8.03 1.74
C DAL A 19 1.58 -6.46 -0.10
O DAL A 19 1.75 -5.27 0.14
H DAL A 19 -0.30 -5.27 0.92
HA DAL A 19 -0.06 -7.86 -0.14
HB1 DAL A 19 0.14 -8.54 2.22
HB2 DAL A 19 1.44 -7.37 2.45
HB3 DAL A 19 1.68 -8.75 1.38
N THR A 20 2.32 -7.14 -0.90
CA THR A 20 3.45 -6.56 -1.57
C THR A 20 3.11 -6.27 -3.03
N CYS A 21 3.86 -5.38 -3.62
CA CYS A 21 3.69 -5.03 -5.02
C CYS A 21 5.07 -5.02 -5.67
N GLY A 22 5.95 -5.75 -5.06
CA GLY A 22 7.30 -5.86 -5.49
C GLY A 22 8.17 -6.21 -4.33
N ILE A 23 9.44 -5.98 -4.44
CA ILE A 23 10.36 -6.21 -3.35
C ILE A 23 10.40 -4.96 -2.50
N ARG A 24 10.59 -3.84 -3.15
CA ARG A 24 10.65 -2.55 -2.49
C ARG A 24 9.31 -1.85 -2.52
N PHE A 25 8.32 -2.52 -3.04
CA PHE A 25 7.01 -1.95 -3.19
C PHE A 25 6.01 -2.76 -2.44
N LEU A 26 5.15 -2.08 -1.79
CA LEU A 26 4.11 -2.68 -1.02
C LEU A 26 2.79 -2.23 -1.57
N TYR A 27 1.79 -3.00 -1.37
CA TYR A 27 0.49 -2.69 -1.81
C TYR A 27 -0.29 -2.26 -0.60
N CYS A 28 -0.54 -1.00 -0.51
CA CYS A 28 -1.16 -0.45 0.67
C CYS A 28 -2.45 0.26 0.33
N CYS A 29 -3.46 0.04 1.11
CA CYS A 29 -4.75 0.65 0.88
C CYS A 29 -5.03 1.66 1.97
N PRO A 30 -5.64 2.81 1.63
CA PRO A 30 -6.02 3.80 2.63
C PRO A 30 -7.16 3.24 3.52
N ARG A 31 -7.01 3.34 4.81
CA ARG A 31 -8.00 2.78 5.73
C ARG A 31 -9.16 3.73 5.94
N ARG A 32 -8.95 4.95 5.56
CA ARG A 32 -9.94 5.96 5.64
C ARG A 32 -9.81 6.86 4.43
#